data_3PAS
#
_entry.id   3PAS
#
_cell.length_a   67.118
_cell.length_b   106.180
_cell.length_c   117.408
_cell.angle_alpha   90.000
_cell.angle_beta   90.000
_cell.angle_gamma   90.000
#
_symmetry.space_group_name_H-M   'P 21 21 21'
#
loop_
_entity.id
_entity.type
_entity.pdbx_description
1 polymer 'TetR family transcription regulator'
2 non-polymer 'ACETATE ION'
3 non-polymer S-1,2-PROPANEDIOL
4 water water
#
_entity_poly.entity_id   1
_entity_poly.type   'polypeptide(L)'
_entity_poly.pdbx_seq_one_letter_code
;G(MSE)RQRDDSKRIAFLEATVREVADHGFSATSVGKIAKAAGLSPATLYIYYEDKEQLLLATFYYVSDQVIDAALDSFS
RGKDLREGLRRQWHTLFRIGLERPELFRYHETFTHSAW(MSE)TPEIQARNESRAANLLNAVDQGKQSGLIKPVPFPLLE
TF(MSE)FRPIYHLVQRCLQGSFEGTDEHIELAFN(MSE)AWDAVADRRNT
;
_entity_poly.pdbx_strand_id   A,B,C,D
#
# COMPACT_ATOMS: atom_id res chain seq x y z
N ARG A 3 30.81 -16.66 -21.45
CA ARG A 3 29.88 -15.61 -21.08
C ARG A 3 28.61 -15.66 -21.93
N GLN A 4 28.74 -15.81 -23.26
CA GLN A 4 27.54 -15.78 -24.11
C GLN A 4 26.56 -16.91 -23.76
N ARG A 5 27.07 -18.08 -23.40
CA ARG A 5 26.23 -19.19 -22.91
C ARG A 5 25.52 -18.82 -21.60
N ASP A 6 26.27 -18.27 -20.64
CA ASP A 6 25.69 -17.73 -19.38
C ASP A 6 24.59 -16.72 -19.64
N ASP A 7 24.87 -15.74 -20.51
CA ASP A 7 23.86 -14.74 -20.83
C ASP A 7 22.60 -15.33 -21.47
N SER A 8 22.78 -16.31 -22.36
CA SER A 8 21.65 -16.96 -23.03
C SER A 8 20.75 -17.64 -22.00
N LYS A 9 21.39 -18.30 -21.02
CA LYS A 9 20.65 -18.97 -19.97
C LYS A 9 19.95 -17.94 -19.07
N ARG A 10 20.66 -16.88 -18.71
CA ARG A 10 20.04 -15.81 -17.91
C ARG A 10 18.81 -15.22 -18.61
N ILE A 11 18.97 -14.91 -19.90
CA ILE A 11 17.83 -14.35 -20.68
C ILE A 11 16.67 -15.32 -20.69
N ALA A 12 16.96 -16.62 -20.80
CA ALA A 12 15.90 -17.63 -20.73
C ALA A 12 15.15 -17.55 -19.40
N PHE A 13 15.89 -17.41 -18.30
CA PHE A 13 15.23 -17.35 -17.01
C PHE A 13 14.50 -16.03 -16.83
N LEU A 14 15.11 -14.94 -17.26
CA LEU A 14 14.47 -13.64 -17.17
C LEU A 14 13.17 -13.60 -17.99
N GLU A 15 13.24 -14.05 -19.23
CA GLU A 15 12.06 -14.08 -20.10
C GLU A 15 10.97 -15.01 -19.59
N ALA A 16 11.40 -16.17 -19.06
CA ALA A 16 10.48 -17.10 -18.44
C ALA A 16 9.73 -16.47 -17.26
N THR A 17 10.43 -15.71 -16.42
CA THR A 17 9.84 -15.05 -15.26
C THR A 17 8.82 -14.00 -15.76
N VAL A 18 9.21 -13.19 -16.76
CA VAL A 18 8.27 -12.26 -17.39
C VAL A 18 6.96 -12.96 -17.81
N ARG A 19 7.06 -14.04 -18.56
CA ARG A 19 5.89 -14.72 -19.09
C ARG A 19 5.06 -15.33 -18.00
N GLU A 20 5.72 -16.09 -17.10
CA GLU A 20 5.02 -16.75 -16.02
C GLU A 20 4.30 -15.76 -15.08
N VAL A 21 4.96 -14.68 -14.68
CA VAL A 21 4.35 -13.72 -13.78
C VAL A 21 3.24 -12.94 -14.49
N ALA A 22 3.48 -12.60 -15.74
CA ALA A 22 2.45 -11.89 -16.51
C ALA A 22 1.18 -12.71 -16.73
N ASP A 23 1.33 -14.01 -16.91
CA ASP A 23 0.22 -14.89 -17.08
C ASP A 23 -0.43 -15.30 -15.76
N HIS A 24 0.38 -15.47 -14.72
CA HIS A 24 -0.10 -16.09 -13.49
C HIS A 24 0.12 -15.35 -12.18
N GLY A 25 0.87 -14.26 -12.23
CA GLY A 25 1.16 -13.53 -11.01
C GLY A 25 2.32 -14.13 -10.21
N PHE A 26 2.72 -13.42 -9.18
CA PHE A 26 3.88 -13.80 -8.35
C PHE A 26 3.68 -15.06 -7.57
N SER A 27 2.55 -15.15 -6.85
CA SER A 27 2.31 -16.23 -5.89
C SER A 27 2.32 -17.61 -6.50
N ALA A 28 1.66 -17.73 -7.64
CA ALA A 28 1.52 -19.00 -8.32
C ALA A 28 2.80 -19.41 -9.05
N THR A 29 3.74 -18.47 -9.23
CA THR A 29 4.96 -18.72 -9.97
C THR A 29 6.15 -19.09 -9.09
N SER A 30 6.56 -20.34 -9.17
CA SER A 30 7.66 -20.85 -8.34
C SER A 30 8.93 -20.91 -9.16
N VAL A 31 10.05 -21.07 -8.45
CA VAL A 31 11.32 -21.41 -9.06
C VAL A 31 11.16 -22.58 -10.06
N GLY A 32 10.51 -23.66 -9.63
CA GLY A 32 10.25 -24.83 -10.48
C GLY A 32 9.57 -24.48 -11.79
N LYS A 33 8.52 -23.65 -11.72
CA LYS A 33 7.77 -23.27 -12.90
C LYS A 33 8.54 -22.37 -13.83
N ILE A 34 9.32 -21.45 -13.27
CA ILE A 34 10.15 -20.58 -14.13
C ILE A 34 11.17 -21.42 -14.86
N ALA A 35 11.84 -22.30 -14.12
CA ALA A 35 12.88 -23.14 -14.72
C ALA A 35 12.32 -23.96 -15.88
N LYS A 36 11.15 -24.55 -15.65
CA LYS A 36 10.50 -25.40 -16.67
C LYS A 36 10.11 -24.55 -17.90
N ALA A 37 9.55 -23.36 -17.70
CA ALA A 37 9.25 -22.46 -18.80
C ALA A 37 10.52 -22.04 -19.60
N ALA A 38 11.69 -21.91 -18.95
CA ALA A 38 12.93 -21.55 -19.59
C ALA A 38 13.59 -22.74 -20.28
N GLY A 39 13.14 -23.95 -19.97
CA GLY A 39 13.67 -25.20 -20.51
C GLY A 39 14.96 -25.64 -19.84
N LEU A 40 15.15 -25.26 -18.57
CA LEU A 40 16.37 -25.50 -17.80
C LEU A 40 15.98 -26.03 -16.44
N SER A 41 16.91 -26.56 -15.68
CA SER A 41 16.55 -27.15 -14.41
C SER A 41 16.65 -26.13 -13.30
N PRO A 42 16.00 -26.42 -12.16
CA PRO A 42 16.19 -25.51 -11.05
C PRO A 42 17.63 -25.46 -10.58
N ALA A 43 18.39 -26.57 -10.69
CA ALA A 43 19.80 -26.51 -10.26
C ALA A 43 20.54 -25.43 -11.07
N THR A 44 20.27 -25.40 -12.37
CA THR A 44 20.83 -24.40 -13.27
C THR A 44 20.34 -22.97 -12.93
N LEU A 45 19.06 -22.83 -12.58
CA LEU A 45 18.54 -21.53 -12.11
C LEU A 45 19.40 -21.06 -10.95
N TYR A 46 19.62 -21.93 -9.94
CA TYR A 46 20.38 -21.53 -8.78
C TYR A 46 21.84 -21.19 -9.02
N ILE A 47 22.42 -21.64 -10.12
CA ILE A 47 23.75 -21.18 -10.50
C ILE A 47 23.74 -19.68 -10.74
N TYR A 48 22.65 -19.15 -11.29
CA TYR A 48 22.57 -17.72 -11.72
C TYR A 48 21.82 -16.77 -10.78
N TYR A 49 20.89 -17.32 -9.99
CA TYR A 49 20.02 -16.55 -9.10
C TYR A 49 19.90 -17.30 -7.78
N GLU A 50 20.12 -16.59 -6.68
CA GLU A 50 20.11 -17.21 -5.35
C GLU A 50 18.78 -17.88 -5.04
N ASP A 51 17.71 -17.15 -5.37
CA ASP A 51 16.36 -17.52 -4.99
C ASP A 51 15.33 -16.79 -5.84
N LYS A 52 14.06 -17.07 -5.58
CA LYS A 52 12.97 -16.43 -6.31
C LYS A 52 13.06 -14.92 -6.24
N GLU A 53 13.19 -14.39 -5.02
CA GLU A 53 13.23 -12.94 -4.76
C GLU A 53 14.21 -12.24 -5.65
N GLN A 54 15.43 -12.79 -5.73
CA GLN A 54 16.50 -12.21 -6.54
C GLN A 54 16.20 -12.31 -8.02
N LEU A 55 15.56 -13.39 -8.46
CA LEU A 55 15.24 -13.52 -9.86
C LEU A 55 14.09 -12.55 -10.22
N LEU A 56 13.12 -12.37 -9.34
CA LEU A 56 12.04 -11.39 -9.63
C LEU A 56 12.62 -9.97 -9.77
N LEU A 57 13.59 -9.61 -8.93
CA LEU A 57 14.23 -8.27 -9.01
C LEU A 57 15.09 -8.11 -10.26
N ALA A 58 15.90 -9.12 -10.59
CA ALA A 58 16.71 -9.11 -11.83
C ALA A 58 15.79 -8.97 -13.01
N THR A 59 14.63 -9.67 -12.96
CA THR A 59 13.65 -9.58 -14.05
C THR A 59 13.03 -8.18 -14.15
N PHE A 60 12.72 -7.58 -13.01
CA PHE A 60 12.24 -6.21 -12.97
C PHE A 60 13.25 -5.25 -13.61
N TYR A 61 14.52 -5.41 -13.28
CA TYR A 61 15.55 -4.58 -13.91
C TYR A 61 15.77 -4.89 -15.39
N TYR A 62 15.72 -6.15 -15.78
CA TYR A 62 15.76 -6.51 -17.18
C TYR A 62 14.63 -5.87 -17.97
N VAL A 63 13.40 -5.94 -17.44
CA VAL A 63 12.23 -5.32 -18.11
C VAL A 63 12.35 -3.78 -18.15
N SER A 64 12.65 -3.20 -17.00
CA SER A 64 12.78 -1.74 -16.89
C SER A 64 13.89 -1.19 -17.80
N ASP A 65 15.06 -1.79 -17.79
CA ASP A 65 16.16 -1.31 -18.60
C ASP A 65 15.89 -1.40 -20.09
N GLN A 66 15.28 -2.48 -20.56
CA GLN A 66 14.92 -2.60 -21.98
C GLN A 66 13.98 -1.47 -22.43
N VAL A 67 12.95 -1.24 -21.63
CA VAL A 67 11.95 -0.20 -21.92
C VAL A 67 12.58 1.22 -21.78
N ILE A 68 13.23 1.48 -20.68
CA ILE A 68 13.84 2.80 -20.43
C ILE A 68 14.90 3.12 -21.49
N ASP A 69 15.73 2.12 -21.81
CA ASP A 69 16.81 2.31 -22.78
C ASP A 69 16.27 2.67 -24.18
N ALA A 70 15.21 1.98 -24.58
CA ALA A 70 14.57 2.22 -25.87
C ALA A 70 13.93 3.60 -25.89
N ALA A 71 13.23 3.94 -24.81
CA ALA A 71 12.62 5.27 -24.67
C ALA A 71 13.67 6.35 -24.80
N LEU A 72 14.78 6.20 -24.07
CA LEU A 72 15.89 7.19 -24.03
CA LEU A 72 15.77 7.27 -24.07
C LEU A 72 16.55 7.35 -25.40
N ASP A 73 16.73 6.23 -26.09
CA ASP A 73 17.35 6.27 -27.42
C ASP A 73 16.45 7.10 -28.36
N SER A 74 15.14 6.82 -28.33
CA SER A 74 14.19 7.54 -29.18
CA SER A 74 14.19 7.52 -29.18
C SER A 74 14.10 9.00 -28.78
N PHE A 75 14.01 9.27 -27.49
CA PHE A 75 13.98 10.64 -26.99
C PHE A 75 15.19 11.45 -27.48
N SER A 76 16.37 10.82 -27.48
CA SER A 76 17.64 11.51 -27.83
C SER A 76 17.67 11.98 -29.26
N ARG A 77 16.82 11.43 -30.12
CA ARG A 77 16.78 11.81 -31.56
C ARG A 77 15.93 13.05 -31.85
N GLY A 78 15.16 13.52 -30.89
CA GLY A 78 14.32 14.70 -31.08
C GLY A 78 15.12 15.99 -30.94
N LYS A 79 14.88 16.95 -31.83
CA LYS A 79 15.60 18.23 -31.83
C LYS A 79 15.14 19.22 -30.72
N ASP A 80 13.98 18.96 -30.10
CA ASP A 80 13.47 19.76 -29.00
C ASP A 80 12.69 18.84 -28.07
N LEU A 81 12.28 19.38 -26.92
CA LEU A 81 11.62 18.58 -25.90
C LEU A 81 10.33 17.92 -26.41
N ARG A 82 9.46 18.66 -27.07
CA ARG A 82 8.27 18.04 -27.61
C ARG A 82 8.57 16.90 -28.58
N GLU A 83 9.55 17.09 -29.48
CA GLU A 83 9.79 16.07 -30.49
C GLU A 83 10.32 14.82 -29.83
N GLY A 84 11.21 15.03 -28.84
CA GLY A 84 11.81 13.93 -28.07
C GLY A 84 10.74 13.12 -27.38
N LEU A 85 9.84 13.80 -26.69
CA LEU A 85 8.76 13.14 -25.99
C LEU A 85 7.82 12.44 -27.00
N ARG A 86 7.63 13.04 -28.18
CA ARG A 86 6.77 12.45 -29.21
C ARG A 86 7.37 11.14 -29.72
N ARG A 87 8.66 11.16 -30.01
CA ARG A 87 9.37 9.93 -30.49
C ARG A 87 9.34 8.84 -29.43
N GLN A 88 9.62 9.21 -28.18
CA GLN A 88 9.55 8.29 -27.06
CA GLN A 88 9.59 8.18 -27.18
C GLN A 88 8.16 7.68 -26.88
N TRP A 89 7.13 8.50 -27.09
CA TRP A 89 5.77 8.08 -26.90
C TRP A 89 5.42 6.96 -27.87
N HIS A 90 5.70 7.21 -29.15
CA HIS A 90 5.50 6.21 -30.21
C HIS A 90 6.26 4.90 -29.93
N THR A 91 7.48 5.03 -29.45
CA THR A 91 8.33 3.88 -29.13
C THR A 91 7.69 3.07 -28.00
N LEU A 92 7.27 3.75 -26.93
CA LEU A 92 6.69 3.06 -25.77
C LEU A 92 5.37 2.40 -26.22
N PHE A 93 4.58 3.07 -27.03
CA PHE A 93 3.32 2.49 -27.51
C PHE A 93 3.56 1.22 -28.29
N ARG A 94 4.58 1.23 -29.14
N ARG A 94 4.58 1.21 -29.13
CA ARG A 94 4.94 0.05 -29.93
CA ARG A 94 4.87 0.02 -29.93
C ARG A 94 5.41 -1.10 -29.01
C ARG A 94 5.43 -1.11 -29.03
N ILE A 95 6.23 -0.78 -28.02
CA ILE A 95 6.68 -1.80 -27.09
C ILE A 95 5.48 -2.42 -26.35
N GLY A 96 4.57 -1.58 -25.87
CA GLY A 96 3.39 -2.10 -25.19
C GLY A 96 2.55 -3.00 -26.09
N LEU A 97 2.41 -2.62 -27.34
CA LEU A 97 1.58 -3.40 -28.30
C LEU A 97 2.20 -4.67 -28.72
N GLU A 98 3.53 -4.70 -28.76
CA GLU A 98 4.23 -5.88 -29.23
C GLU A 98 4.70 -6.77 -28.11
N ARG A 99 5.01 -6.15 -26.97
CA ARG A 99 5.51 -6.90 -25.81
C ARG A 99 4.73 -6.45 -24.58
N PRO A 100 3.42 -6.60 -24.63
CA PRO A 100 2.63 -6.18 -23.45
C PRO A 100 3.05 -6.85 -22.15
N GLU A 101 3.57 -8.07 -22.23
CA GLU A 101 4.04 -8.77 -21.04
C GLU A 101 5.13 -7.95 -20.27
N LEU A 102 5.93 -7.14 -20.98
CA LEU A 102 6.93 -6.28 -20.31
C LEU A 102 6.23 -5.21 -19.45
N PHE A 103 5.21 -4.58 -20.03
CA PHE A 103 4.38 -3.64 -19.33
C PHE A 103 3.70 -4.31 -18.14
N ARG A 104 3.13 -5.52 -18.35
CA ARG A 104 2.39 -6.21 -17.28
C ARG A 104 3.33 -6.63 -16.14
N TYR A 105 4.52 -7.13 -16.47
CA TYR A 105 5.51 -7.43 -15.42
C TYR A 105 5.85 -6.19 -14.58
N HIS A 106 6.08 -5.07 -15.25
CA HIS A 106 6.47 -3.83 -14.57
C HIS A 106 5.38 -3.36 -13.62
N GLU A 107 4.16 -3.38 -14.14
CA GLU A 107 3.00 -2.96 -13.40
C GLU A 107 2.72 -3.84 -12.17
N THR A 108 2.80 -5.16 -12.36
CA THR A 108 2.54 -6.13 -11.29
C THR A 108 3.60 -5.92 -10.21
N PHE A 109 4.85 -5.79 -10.66
CA PHE A 109 5.95 -5.62 -9.71
C PHE A 109 5.82 -4.33 -8.91
N THR A 110 5.69 -3.20 -9.61
CA THR A 110 5.63 -1.88 -8.94
C THR A 110 4.46 -1.76 -7.97
N HIS A 111 3.41 -2.55 -8.14
CA HIS A 111 2.28 -2.48 -7.22
C HIS A 111 2.27 -3.64 -6.22
N SER A 112 3.44 -4.27 -5.99
CA SER A 112 3.55 -5.42 -5.07
C SER A 112 4.43 -5.03 -3.93
N ALA A 113 4.50 -5.89 -2.91
CA ALA A 113 5.36 -5.65 -1.78
C ALA A 113 6.84 -5.85 -2.10
N TRP A 114 7.17 -6.22 -3.34
CA TRP A 114 8.56 -6.36 -3.69
C TRP A 114 9.16 -4.98 -4.04
N THR A 116 10.24 -1.07 -3.77
CA THR A 116 10.82 -0.25 -2.73
C THR A 116 11.30 1.08 -3.30
N PRO A 117 11.46 2.07 -2.42
CA PRO A 117 11.96 3.36 -2.84
C PRO A 117 13.32 3.31 -3.51
N GLU A 118 14.21 2.46 -3.03
CA GLU A 118 15.52 2.26 -3.64
C GLU A 118 15.40 1.75 -5.09
N ILE A 119 14.43 0.88 -5.34
CA ILE A 119 14.23 0.30 -6.69
C ILE A 119 13.72 1.42 -7.60
N GLN A 120 12.74 2.20 -7.10
CA GLN A 120 12.24 3.35 -7.84
CA GLN A 120 12.23 3.35 -7.82
C GLN A 120 13.37 4.32 -8.18
N ALA A 121 14.22 4.65 -7.20
CA ALA A 121 15.33 5.57 -7.42
C ALA A 121 16.31 5.06 -8.49
N ARG A 122 16.56 3.77 -8.47
CA ARG A 122 17.43 3.17 -9.43
C ARG A 122 16.87 3.39 -10.85
N ASN A 123 15.59 3.08 -11.09
CA ASN A 123 14.99 3.31 -12.43
C ASN A 123 14.96 4.80 -12.79
N GLU A 124 14.65 5.64 -11.81
CA GLU A 124 14.72 7.13 -12.01
C GLU A 124 16.10 7.58 -12.42
N SER A 125 17.13 7.00 -11.80
CA SER A 125 18.49 7.30 -12.17
C SER A 125 18.76 6.88 -13.62
N ARG A 126 18.34 5.68 -14.01
CA ARG A 126 18.54 5.25 -15.41
C ARG A 126 17.84 6.13 -16.45
N ALA A 127 16.65 6.63 -16.07
CA ALA A 127 15.85 7.57 -16.91
C ALA A 127 16.20 9.06 -16.72
N ALA A 128 17.33 9.33 -16.06
CA ALA A 128 17.80 10.69 -15.77
C ALA A 128 17.75 11.70 -16.90
N ASN A 129 18.26 11.33 -18.08
CA ASN A 129 18.31 12.26 -19.23
C ASN A 129 16.90 12.74 -19.61
N LEU A 130 15.92 11.84 -19.54
CA LEU A 130 14.51 12.16 -19.78
CA LEU A 130 14.56 12.22 -19.82
C LEU A 130 13.97 13.05 -18.68
N LEU A 131 14.05 12.57 -17.44
CA LEU A 131 13.54 13.33 -16.31
C LEU A 131 14.19 14.71 -16.17
N ASN A 132 15.50 14.80 -16.33
CA ASN A 132 16.14 16.14 -16.25
C ASN A 132 15.70 17.08 -17.35
N ALA A 133 15.49 16.55 -18.56
CA ALA A 133 14.95 17.32 -19.70
C ALA A 133 13.57 17.90 -19.39
N VAL A 134 12.70 17.06 -18.85
CA VAL A 134 11.39 17.51 -18.47
C VAL A 134 11.50 18.58 -17.38
N ASP A 135 12.33 18.33 -16.36
CA ASP A 135 12.52 19.36 -15.30
C ASP A 135 12.98 20.72 -15.87
N GLN A 136 13.91 20.66 -16.80
CA GLN A 136 14.44 21.83 -17.48
C GLN A 136 13.38 22.56 -18.30
N GLY A 137 12.38 21.82 -18.79
CA GLY A 137 11.27 22.43 -19.52
C GLY A 137 10.36 23.14 -18.57
N LYS A 138 10.27 22.65 -17.32
CA LYS A 138 9.52 23.37 -16.30
C LYS A 138 10.22 24.70 -16.00
N GLN A 139 11.53 24.66 -15.92
CA GLN A 139 12.34 25.89 -15.60
CA GLN A 139 12.29 25.90 -15.58
C GLN A 139 12.30 26.92 -16.74
N SER A 140 12.18 26.45 -17.97
CA SER A 140 12.20 27.31 -19.16
CA SER A 140 12.21 27.30 -19.16
C SER A 140 10.84 27.82 -19.59
N GLY A 141 9.77 27.31 -19.00
CA GLY A 141 8.44 27.76 -19.36
C GLY A 141 7.77 26.99 -20.48
N LEU A 142 8.38 25.87 -20.85
CA LEU A 142 7.76 24.97 -21.81
C LEU A 142 6.73 24.06 -21.15
N ILE A 143 7.04 23.59 -19.95
CA ILE A 143 6.19 22.63 -19.21
C ILE A 143 5.60 23.29 -17.99
N LYS A 144 4.30 23.07 -17.77
CA LYS A 144 3.60 23.56 -16.57
C LYS A 144 4.41 23.25 -15.31
N PRO A 145 4.54 24.24 -14.39
CA PRO A 145 5.38 24.02 -13.25
C PRO A 145 4.59 23.28 -12.18
N VAL A 146 4.40 21.98 -12.40
CA VAL A 146 3.54 21.18 -11.56
C VAL A 146 4.24 19.99 -10.99
N PRO A 147 3.72 19.49 -9.85
CA PRO A 147 4.35 18.33 -9.29
C PRO A 147 4.37 17.16 -10.26
N PHE A 148 5.39 16.35 -10.11
CA PHE A 148 5.57 15.23 -10.99
C PHE A 148 4.41 14.21 -11.13
N PRO A 149 3.68 13.92 -10.04
CA PRO A 149 2.51 13.05 -10.11
C PRO A 149 1.55 13.45 -11.22
N LEU A 150 1.36 14.75 -11.41
CA LEU A 150 0.52 15.25 -12.46
C LEU A 150 1.09 15.05 -13.84
N LEU A 151 2.41 15.26 -13.99
CA LEU A 151 3.05 15.04 -15.26
C LEU A 151 2.94 13.58 -15.63
N GLU A 152 3.20 12.69 -14.68
CA GLU A 152 3.10 11.23 -14.87
C GLU A 152 1.69 10.80 -15.29
N THR A 153 0.69 11.38 -14.62
CA THR A 153 -0.72 11.12 -14.95
C THR A 153 -1.08 11.44 -16.40
N PHE A 154 -0.59 12.56 -16.93
CA PHE A 154 -1.02 13.00 -18.24
C PHE A 154 -0.04 12.68 -19.40
N PHE A 156 2.68 10.03 -19.07
CA PHE A 156 3.17 8.64 -19.10
C PHE A 156 2.10 7.61 -18.92
N ARG A 157 1.27 7.77 -17.91
CA ARG A 157 0.24 6.78 -17.67
C ARG A 157 -0.75 6.51 -18.79
N PRO A 158 -1.16 7.54 -19.55
CA PRO A 158 -2.09 7.16 -20.64
C PRO A 158 -1.58 6.12 -21.66
N ILE A 159 -0.27 5.99 -21.83
CA ILE A 159 0.26 4.95 -22.74
C ILE A 159 -0.15 3.53 -22.29
N TYR A 160 0.13 3.20 -21.04
CA TYR A 160 -0.36 1.95 -20.45
C TYR A 160 -1.86 1.68 -20.67
N HIS A 161 -2.66 2.68 -20.37
CA HIS A 161 -4.12 2.56 -20.45
C HIS A 161 -4.58 2.31 -21.90
N LEU A 162 -4.01 3.07 -22.83
CA LEU A 162 -4.40 2.96 -24.24
C LEU A 162 -3.91 1.68 -24.90
N VAL A 163 -2.70 1.27 -24.59
CA VAL A 163 -2.20 -0.06 -25.03
C VAL A 163 -3.19 -1.17 -24.59
N GLN A 164 -3.61 -1.12 -23.34
CA GLN A 164 -4.62 -2.09 -22.84
C GLN A 164 -5.91 -2.03 -23.61
N ARG A 165 -6.45 -0.84 -23.83
CA ARG A 165 -7.68 -0.76 -24.60
C ARG A 165 -7.48 -1.28 -26.03
N CYS A 166 -6.33 -1.00 -26.65
CA CYS A 166 -6.07 -1.46 -28.01
CA CYS A 166 -6.07 -1.44 -28.00
C CYS A 166 -6.05 -2.98 -28.10
N LEU A 167 -5.34 -3.61 -27.19
CA LEU A 167 -5.22 -5.04 -27.18
C LEU A 167 -6.59 -5.68 -26.83
N GLN A 168 -7.40 -5.04 -25.98
CA GLN A 168 -8.77 -5.51 -25.66
C GLN A 168 -9.84 -5.14 -26.69
N GLY A 169 -9.49 -4.45 -27.78
CA GLY A 169 -10.44 -4.11 -28.85
C GLY A 169 -11.34 -2.92 -28.67
N SER A 170 -11.12 -2.10 -27.65
CA SER A 170 -11.94 -0.91 -27.44
C SER A 170 -11.29 0.36 -28.02
N PHE A 171 -10.17 0.23 -28.75
CA PHE A 171 -9.51 1.38 -29.40
C PHE A 171 -8.55 0.80 -30.46
N GLU A 172 -8.39 1.46 -31.60
CA GLU A 172 -7.50 0.99 -32.68
C GLU A 172 -6.14 1.70 -32.61
N GLY A 173 -5.06 0.92 -32.45
CA GLY A 173 -3.70 1.42 -32.24
C GLY A 173 -3.04 1.87 -33.51
N THR A 174 -3.69 2.74 -34.24
CA THR A 174 -3.09 3.23 -35.48
C THR A 174 -2.08 4.29 -35.18
N ASP A 175 -1.18 4.53 -36.14
CA ASP A 175 -0.19 5.60 -35.96
C ASP A 175 -0.88 6.94 -35.73
N GLU A 176 -1.98 7.19 -36.45
CA GLU A 176 -2.78 8.37 -36.33
C GLU A 176 -3.40 8.52 -34.94
N HIS A 177 -3.90 7.43 -34.36
CA HIS A 177 -4.51 7.49 -33.04
C HIS A 177 -3.44 7.67 -31.98
N ILE A 178 -2.27 7.06 -32.20
CA ILE A 178 -1.19 7.20 -31.22
C ILE A 178 -0.73 8.67 -31.19
N GLU A 179 -0.62 9.27 -32.35
CA GLU A 179 -0.21 10.66 -32.44
C GLU A 179 -1.25 11.59 -31.78
N LEU A 180 -2.53 11.40 -32.09
CA LEU A 180 -3.60 12.18 -31.48
C LEU A 180 -3.48 12.14 -29.99
N ALA A 181 -3.25 10.95 -29.42
CA ALA A 181 -3.11 10.80 -27.97
C ALA A 181 -1.90 11.60 -27.45
N PHE A 182 -0.78 11.53 -28.17
CA PHE A 182 0.40 12.32 -27.79
C PHE A 182 0.07 13.81 -27.79
N ASN A 183 -0.57 14.26 -28.87
CA ASN A 183 -0.94 15.66 -28.97
C ASN A 183 -1.66 16.13 -27.74
N ALA A 185 -1.58 14.61 -24.65
CA ALA A 185 -0.63 14.58 -23.53
C ALA A 185 0.22 15.82 -23.53
N TRP A 186 0.73 16.21 -24.68
CA TRP A 186 1.53 17.44 -24.77
C TRP A 186 0.71 18.67 -24.34
N ASP A 187 -0.48 18.87 -24.93
CA ASP A 187 -1.34 19.99 -24.51
C ASP A 187 -1.61 20.03 -23.00
N ALA A 188 -1.79 18.87 -22.41
CA ALA A 188 -2.02 18.76 -20.98
C ALA A 188 -0.87 19.31 -20.16
N VAL A 189 0.37 18.99 -20.58
CA VAL A 189 1.54 19.37 -19.78
C VAL A 189 2.20 20.66 -20.19
N ALA A 190 1.87 21.16 -21.38
CA ALA A 190 2.50 22.36 -21.95
C ALA A 190 2.06 23.66 -21.24
N ASP A 191 3.04 24.46 -20.86
CA ASP A 191 2.73 25.75 -20.21
C ASP A 191 2.20 26.73 -21.25
N ARG A 192 1.09 27.41 -20.94
CA ARG A 192 0.47 28.38 -21.88
C ARG A 192 0.81 29.87 -21.65
N GLN B 4 -39.62 2.15 1.31
CA GLN B 4 -38.61 2.95 2.06
C GLN B 4 -37.79 2.04 2.96
N ARG B 5 -38.48 1.20 3.75
CA ARG B 5 -37.79 0.19 4.56
C ARG B 5 -37.20 -0.89 3.62
N ASP B 6 -37.82 -1.05 2.46
CA ASP B 6 -37.36 -1.96 1.41
C ASP B 6 -36.05 -1.45 0.82
N ASP B 7 -36.06 -0.16 0.51
CA ASP B 7 -34.85 0.48 0.01
C ASP B 7 -33.70 0.29 1.01
N SER B 8 -33.97 0.33 2.32
CA SER B 8 -32.91 0.22 3.32
C SER B 8 -32.26 -1.17 3.48
N LYS B 9 -33.04 -2.23 3.40
CA LYS B 9 -32.48 -3.58 3.43
C LYS B 9 -31.70 -3.75 2.13
N ARG B 10 -32.27 -3.27 1.03
CA ARG B 10 -31.61 -3.39 -0.26
C ARG B 10 -30.26 -2.67 -0.22
N ILE B 11 -30.24 -1.43 0.28
CA ILE B 11 -29.01 -0.65 0.43
CA ILE B 11 -29.01 -0.66 0.40
C ILE B 11 -27.96 -1.38 1.28
N ALA B 12 -28.41 -2.07 2.32
CA ALA B 12 -27.52 -2.81 3.18
C ALA B 12 -26.81 -3.87 2.36
N PHE B 13 -27.56 -4.58 1.51
CA PHE B 13 -26.95 -5.61 0.65
C PHE B 13 -26.08 -5.07 -0.46
N LEU B 14 -26.51 -3.98 -1.10
CA LEU B 14 -25.78 -3.37 -2.16
C LEU B 14 -24.43 -2.82 -1.64
N GLU B 15 -24.47 -2.13 -0.51
CA GLU B 15 -23.25 -1.61 0.14
C GLU B 15 -22.32 -2.74 0.61
N ALA B 16 -22.87 -3.81 1.16
CA ALA B 16 -22.05 -4.94 1.61
C ALA B 16 -21.37 -5.60 0.40
N THR B 17 -22.06 -5.63 -0.74
CA THR B 17 -21.51 -6.17 -1.98
C THR B 17 -20.35 -5.27 -2.44
N VAL B 18 -20.59 -3.96 -2.52
CA VAL B 18 -19.49 -2.98 -2.80
C VAL B 18 -18.26 -3.22 -1.90
N ARG B 19 -18.44 -3.33 -0.57
CA ARG B 19 -17.32 -3.53 0.33
C ARG B 19 -16.58 -4.83 0.16
N GLU B 20 -17.32 -5.95 0.06
CA GLU B 20 -16.71 -7.25 -0.02
C GLU B 20 -15.98 -7.45 -1.34
N VAL B 21 -16.59 -7.03 -2.44
CA VAL B 21 -15.94 -7.19 -3.74
C VAL B 21 -14.74 -6.23 -3.84
N ALA B 22 -14.92 -4.99 -3.37
CA ALA B 22 -13.82 -4.03 -3.43
C ALA B 22 -12.66 -4.61 -2.62
N ASP B 23 -12.91 -5.19 -1.48
CA ASP B 23 -11.84 -5.75 -0.65
C ASP B 23 -11.26 -7.09 -1.11
N HIS B 24 -12.10 -8.02 -1.57
CA HIS B 24 -11.68 -9.41 -1.81
C HIS B 24 -11.91 -9.93 -3.25
N GLY B 25 -12.56 -9.14 -4.10
CA GLY B 25 -12.82 -9.54 -5.50
C GLY B 25 -14.08 -10.41 -5.60
N PHE B 26 -14.51 -10.69 -6.82
CA PHE B 26 -15.77 -11.45 -7.03
C PHE B 26 -15.78 -12.88 -6.56
N SER B 27 -14.77 -13.62 -6.99
CA SER B 27 -14.67 -15.04 -6.74
C SER B 27 -14.68 -15.38 -5.28
N ALA B 28 -14.00 -14.59 -4.46
CA ALA B 28 -13.98 -14.86 -3.03
C ALA B 28 -15.26 -14.45 -2.31
N THR B 29 -16.08 -13.61 -2.93
CA THR B 29 -17.27 -13.08 -2.28
C THR B 29 -18.51 -13.91 -2.65
N SER B 30 -19.04 -14.59 -1.66
CA SER B 30 -20.24 -15.39 -1.79
C SER B 30 -21.46 -14.64 -1.23
N VAL B 31 -22.64 -15.13 -1.57
CA VAL B 31 -23.90 -14.64 -1.00
C VAL B 31 -23.85 -14.61 0.53
N GLY B 32 -23.31 -15.69 1.10
CA GLY B 32 -23.20 -15.81 2.55
C GLY B 32 -22.35 -14.71 3.19
N LYS B 33 -21.22 -14.37 2.57
CA LYS B 33 -20.34 -13.32 3.12
C LYS B 33 -20.92 -11.92 2.96
N ILE B 34 -21.59 -11.68 1.84
CA ILE B 34 -22.29 -10.45 1.63
C ILE B 34 -23.40 -10.30 2.69
N ALA B 35 -24.20 -11.34 2.88
CA ALA B 35 -25.28 -11.32 3.90
C ALA B 35 -24.69 -11.00 5.32
N LYS B 36 -23.63 -11.70 5.66
CA LYS B 36 -22.95 -11.53 6.94
C LYS B 36 -22.45 -10.07 7.09
N ALA B 37 -21.82 -9.56 6.04
CA ALA B 37 -21.33 -8.20 6.05
C ALA B 37 -22.47 -7.20 6.22
N ALA B 38 -23.64 -7.50 5.65
CA ALA B 38 -24.81 -6.69 5.82
C ALA B 38 -25.52 -6.85 7.17
N GLY B 39 -25.16 -7.83 7.99
CA GLY B 39 -25.88 -8.10 9.25
C GLY B 39 -27.21 -8.82 9.11
N LEU B 40 -27.37 -9.55 8.01
CA LEU B 40 -28.65 -10.19 7.67
C LEU B 40 -28.46 -11.61 7.17
N SER B 41 -29.53 -12.37 7.11
CA SER B 41 -29.44 -13.75 6.73
C SER B 41 -29.43 -13.89 5.21
N PRO B 42 -28.86 -14.98 4.68
CA PRO B 42 -29.00 -15.24 3.24
C PRO B 42 -30.48 -15.34 2.83
N ALA B 43 -31.34 -15.91 3.68
CA ALA B 43 -32.80 -16.00 3.36
C ALA B 43 -33.34 -14.61 3.10
N THR B 44 -32.91 -13.64 3.88
CA THR B 44 -33.30 -12.25 3.67
C THR B 44 -32.77 -11.68 2.36
N LEU B 45 -31.48 -11.90 2.09
CA LEU B 45 -30.88 -11.49 0.87
C LEU B 45 -31.72 -11.99 -0.31
N TYR B 46 -32.08 -13.27 -0.30
CA TYR B 46 -32.86 -13.82 -1.39
C TYR B 46 -34.26 -13.21 -1.56
N ILE B 47 -34.76 -12.51 -0.56
CA ILE B 47 -36.05 -11.78 -0.76
C ILE B 47 -35.86 -10.73 -1.87
N TYR B 48 -34.71 -10.11 -1.87
CA TYR B 48 -34.43 -8.99 -2.76
C TYR B 48 -33.66 -9.31 -4.04
N TYR B 49 -32.77 -10.31 -3.94
CA TYR B 49 -31.88 -10.68 -5.04
C TYR B 49 -31.93 -12.17 -5.22
N GLU B 50 -32.12 -12.62 -6.45
CA GLU B 50 -32.34 -14.05 -6.68
C GLU B 50 -31.11 -14.90 -6.48
N ASP B 51 -29.97 -14.37 -6.85
CA ASP B 51 -28.73 -15.07 -6.77
C ASP B 51 -27.59 -14.04 -6.83
N LYS B 52 -26.36 -14.53 -6.78
CA LYS B 52 -25.21 -13.66 -6.80
C LYS B 52 -25.17 -12.84 -8.08
N GLU B 53 -25.43 -13.47 -9.20
CA GLU B 53 -25.37 -12.77 -10.48
C GLU B 53 -26.20 -11.48 -10.45
N GLN B 54 -27.44 -11.61 -10.02
CA GLN B 54 -28.35 -10.49 -9.98
C GLN B 54 -27.97 -9.43 -8.96
N LEU B 55 -27.41 -9.85 -7.84
CA LEU B 55 -26.93 -8.89 -6.82
C LEU B 55 -25.72 -8.10 -7.29
N LEU B 56 -24.79 -8.78 -7.95
CA LEU B 56 -23.62 -8.09 -8.55
C LEU B 56 -24.04 -7.05 -9.60
N LEU B 57 -25.00 -7.38 -10.46
CA LEU B 57 -25.52 -6.47 -11.45
C LEU B 57 -26.22 -5.28 -10.80
N ALA B 58 -27.13 -5.55 -9.87
CA ALA B 58 -27.86 -4.49 -9.14
C ALA B 58 -26.87 -3.55 -8.43
N THR B 59 -25.81 -4.12 -7.89
CA THR B 59 -24.77 -3.35 -7.20
C THR B 59 -24.05 -2.47 -8.22
N PHE B 60 -23.76 -3.02 -9.39
CA PHE B 60 -23.10 -2.24 -10.43
C PHE B 60 -23.98 -1.02 -10.80
N TYR B 61 -25.27 -1.25 -10.96
CA TYR B 61 -26.20 -0.14 -11.26
C TYR B 61 -26.37 0.84 -10.15
N TYR B 62 -26.38 0.36 -8.91
CA TYR B 62 -26.41 1.22 -7.75
C TYR B 62 -25.16 2.14 -7.71
N VAL B 63 -23.99 1.55 -7.92
CA VAL B 63 -22.73 2.29 -7.87
C VAL B 63 -22.71 3.33 -9.04
N SER B 64 -23.00 2.85 -10.23
CA SER B 64 -23.03 3.68 -11.44
C SER B 64 -24.08 4.78 -11.33
N ASP B 65 -25.28 4.46 -10.88
CA ASP B 65 -26.32 5.50 -10.71
C ASP B 65 -25.97 6.58 -9.71
N GLN B 66 -25.45 6.19 -8.55
CA GLN B 66 -24.99 7.15 -7.57
C GLN B 66 -23.99 8.13 -8.17
N VAL B 67 -22.97 7.58 -8.83
CA VAL B 67 -21.94 8.40 -9.42
C VAL B 67 -22.41 9.22 -10.62
N ILE B 68 -23.08 8.58 -11.57
CA ILE B 68 -23.56 9.28 -12.79
C ILE B 68 -24.52 10.40 -12.40
N ASP B 69 -25.49 10.10 -11.52
CA ASP B 69 -26.46 11.13 -11.13
C ASP B 69 -25.82 12.37 -10.46
N ALA B 70 -24.85 12.16 -9.56
CA ALA B 70 -24.11 13.23 -8.95
C ALA B 70 -23.35 14.03 -9.99
N ALA B 71 -22.70 13.34 -10.92
CA ALA B 71 -21.96 13.99 -11.99
C ALA B 71 -22.89 14.83 -12.87
N LEU B 72 -24.05 14.28 -13.27
CA LEU B 72 -25.02 14.96 -14.14
C LEU B 72 -25.59 16.21 -13.46
N ASP B 73 -25.84 16.10 -12.16
CA ASP B 73 -26.35 17.17 -11.37
C ASP B 73 -25.35 18.33 -11.38
N SER B 74 -24.09 18.00 -11.12
CA SER B 74 -23.05 19.03 -11.09
CA SER B 74 -23.07 19.00 -11.07
C SER B 74 -22.83 19.62 -12.48
N PHE B 75 -22.74 18.75 -13.48
CA PHE B 75 -22.57 19.17 -14.87
C PHE B 75 -23.69 20.17 -15.25
N SER B 76 -24.92 19.89 -14.87
CA SER B 76 -26.04 20.77 -15.26
C SER B 76 -25.97 22.17 -14.64
N ARG B 77 -25.19 22.36 -13.56
CA ARG B 77 -25.07 23.67 -12.92
C ARG B 77 -24.01 24.50 -13.59
N GLY B 78 -23.25 23.94 -14.54
CA GLY B 78 -22.19 24.71 -15.19
C GLY B 78 -22.80 25.71 -16.15
N LYS B 79 -22.23 26.91 -16.25
CA LYS B 79 -22.79 27.93 -17.16
C LYS B 79 -22.40 27.73 -18.62
N ASP B 80 -21.43 26.85 -18.87
CA ASP B 80 -21.09 26.44 -20.24
C ASP B 80 -20.49 25.04 -20.16
N LEU B 81 -20.04 24.47 -21.31
CA LEU B 81 -19.46 23.10 -21.33
C LEU B 81 -18.23 22.94 -20.42
N ARG B 82 -17.30 23.87 -20.52
CA ARG B 82 -16.12 23.77 -19.68
C ARG B 82 -16.45 23.82 -18.21
N GLU B 83 -17.32 24.77 -17.82
CA GLU B 83 -17.77 24.87 -16.40
C GLU B 83 -18.49 23.63 -15.94
N GLY B 84 -19.28 23.04 -16.82
CA GLY B 84 -20.00 21.84 -16.49
C GLY B 84 -19.02 20.69 -16.22
N LEU B 85 -18.00 20.57 -17.05
CA LEU B 85 -17.03 19.51 -16.89
C LEU B 85 -16.17 19.76 -15.65
N ARG B 86 -15.87 21.03 -15.37
CA ARG B 86 -15.08 21.38 -14.21
C ARG B 86 -15.86 21.05 -12.92
N ARG B 87 -17.17 21.36 -12.89
CA ARG B 87 -17.94 21.05 -11.68
C ARG B 87 -18.03 19.55 -11.48
N GLN B 88 -18.32 18.82 -12.54
CA GLN B 88 -18.44 17.35 -12.54
CA GLN B 88 -18.49 17.40 -12.38
C GLN B 88 -17.15 16.73 -12.04
N TRP B 89 -16.05 17.28 -12.50
CA TRP B 89 -14.69 16.79 -12.13
C TRP B 89 -14.46 16.89 -10.66
N HIS B 90 -14.74 18.05 -10.11
CA HIS B 90 -14.63 18.26 -8.67
C HIS B 90 -15.54 17.30 -7.91
N THR B 91 -16.79 17.12 -8.37
CA THR B 91 -17.73 16.22 -7.64
C THR B 91 -17.25 14.73 -7.68
N LEU B 92 -16.78 14.30 -8.83
CA LEU B 92 -16.25 12.93 -9.00
C LEU B 92 -14.98 12.69 -8.16
N PHE B 93 -14.12 13.68 -8.13
CA PHE B 93 -12.88 13.56 -7.39
C PHE B 93 -13.23 13.43 -5.90
N ARG B 94 -14.20 14.23 -5.42
CA ARG B 94 -14.61 14.17 -4.03
C ARG B 94 -15.27 12.85 -3.68
N ILE B 95 -16.08 12.32 -4.60
CA ILE B 95 -16.69 11.01 -4.39
C ILE B 95 -15.62 9.93 -4.27
N GLY B 96 -14.61 9.97 -5.13
CA GLY B 96 -13.50 9.01 -5.09
C GLY B 96 -12.77 9.06 -3.75
N LEU B 97 -12.54 10.28 -3.25
CA LEU B 97 -11.82 10.46 -1.97
C LEU B 97 -12.61 9.94 -0.75
N GLU B 98 -13.93 10.12 -0.77
CA GLU B 98 -14.76 9.71 0.34
CA GLU B 98 -14.80 9.72 0.33
C GLU B 98 -15.25 8.27 0.25
N ARG B 99 -15.52 7.81 -0.97
CA ARG B 99 -16.07 6.49 -1.21
CA ARG B 99 -16.08 6.50 -1.21
C ARG B 99 -15.30 5.79 -2.32
N PRO B 100 -13.99 5.57 -2.09
CA PRO B 100 -13.20 4.97 -3.18
C PRO B 100 -13.70 3.55 -3.54
N GLU B 101 -14.34 2.89 -2.60
CA GLU B 101 -14.92 1.55 -2.87
C GLU B 101 -15.93 1.56 -4.02
N LEU B 102 -16.61 2.68 -4.24
CA LEU B 102 -17.53 2.80 -5.38
C LEU B 102 -16.74 2.76 -6.70
N PHE B 103 -15.68 3.54 -6.78
CA PHE B 103 -14.80 3.48 -7.96
C PHE B 103 -14.19 2.07 -8.15
N ARG B 104 -13.75 1.45 -7.06
CA ARG B 104 -13.13 0.11 -7.17
C ARG B 104 -14.13 -0.95 -7.65
N TYR B 105 -15.34 -0.91 -7.09
CA TYR B 105 -16.43 -1.81 -7.55
C TYR B 105 -16.69 -1.60 -9.06
N HIS B 106 -16.86 -0.34 -9.48
CA HIS B 106 -17.06 -0.05 -10.89
C HIS B 106 -15.92 -0.64 -11.81
N GLU B 107 -14.68 -0.36 -11.41
CA GLU B 107 -13.47 -0.86 -12.10
C GLU B 107 -13.41 -2.40 -12.09
N THR B 108 -13.60 -3.02 -10.94
CA THR B 108 -13.57 -4.49 -10.88
C THR B 108 -14.63 -5.08 -11.79
N PHE B 109 -15.86 -4.54 -11.74
CA PHE B 109 -16.96 -5.07 -12.54
C PHE B 109 -16.74 -4.86 -14.03
N THR B 110 -16.40 -3.63 -14.43
CA THR B 110 -16.21 -3.35 -15.86
C THR B 110 -15.06 -4.14 -16.47
N HIS B 111 -14.07 -4.55 -15.69
CA HIS B 111 -12.91 -5.34 -16.15
CA HIS B 111 -12.98 -5.35 -16.25
C HIS B 111 -13.12 -6.83 -15.89
N SER B 112 -14.38 -7.25 -15.72
CA SER B 112 -14.71 -8.66 -15.46
C SER B 112 -15.60 -9.18 -16.58
N ALA B 113 -15.71 -10.50 -16.62
CA ALA B 113 -16.62 -11.18 -17.55
C ALA B 113 -18.09 -10.88 -17.30
N TRP B 114 -18.46 -10.29 -16.15
CA TRP B 114 -19.85 -9.86 -15.94
C TRP B 114 -20.26 -8.69 -16.82
N THR B 116 -20.96 -6.45 -20.06
CA THR B 116 -21.42 -6.66 -21.42
C THR B 116 -21.66 -5.30 -22.11
N PRO B 117 -21.65 -5.28 -23.46
CA PRO B 117 -22.00 -4.06 -24.19
C PRO B 117 -23.38 -3.48 -23.85
N GLU B 118 -24.35 -4.32 -23.53
CA GLU B 118 -25.69 -3.88 -23.15
C GLU B 118 -25.65 -3.08 -21.82
N ILE B 119 -24.84 -3.52 -20.87
CA ILE B 119 -24.71 -2.84 -19.58
C ILE B 119 -24.08 -1.45 -19.81
N GLN B 120 -22.98 -1.45 -20.56
CA GLN B 120 -22.28 -0.24 -21.04
C GLN B 120 -23.26 0.73 -21.64
N ALA B 121 -24.08 0.25 -22.58
CA ALA B 121 -25.07 1.08 -23.27
C ALA B 121 -26.06 1.67 -22.29
N ARG B 122 -26.50 0.87 -21.31
CA ARG B 122 -27.45 1.38 -20.30
C ARG B 122 -26.83 2.57 -19.50
N ASN B 123 -25.59 2.43 -19.08
CA ASN B 123 -24.89 3.55 -18.40
C ASN B 123 -24.69 4.80 -19.32
N GLU B 124 -24.32 4.57 -20.58
CA GLU B 124 -24.18 5.68 -21.56
C GLU B 124 -25.53 6.38 -21.75
N SER B 125 -26.61 5.60 -21.81
CA SER B 125 -27.94 6.14 -21.85
C SER B 125 -28.32 7.02 -20.65
N ARG B 126 -28.03 6.57 -19.43
CA ARG B 126 -28.32 7.39 -18.25
C ARG B 126 -27.48 8.69 -18.28
N ALA B 127 -26.26 8.56 -18.79
CA ALA B 127 -25.36 9.72 -18.94
C ALA B 127 -25.51 10.52 -20.26
N ALA B 128 -26.58 10.30 -21.00
CA ALA B 128 -26.74 10.85 -22.34
C ALA B 128 -26.57 12.39 -22.43
N ASN B 129 -27.11 13.12 -21.48
CA ASN B 129 -27.02 14.57 -21.51
C ASN B 129 -25.58 15.06 -21.45
N LEU B 130 -24.73 14.37 -20.69
CA LEU B 130 -23.31 14.71 -20.65
C LEU B 130 -22.63 14.32 -21.94
N LEU B 131 -22.87 13.07 -22.39
CA LEU B 131 -22.17 12.54 -23.55
C LEU B 131 -22.61 13.27 -24.81
N ASN B 132 -23.89 13.60 -24.94
CA ASN B 132 -24.34 14.39 -26.11
C ASN B 132 -23.72 15.78 -26.15
N ALA B 133 -23.53 16.40 -24.99
CA ALA B 133 -22.96 17.74 -24.91
C ALA B 133 -21.47 17.68 -25.28
N VAL B 134 -20.83 16.63 -24.80
CA VAL B 134 -19.42 16.44 -25.16
C VAL B 134 -19.28 16.20 -26.67
N ASP B 135 -20.15 15.38 -27.23
CA ASP B 135 -20.16 15.10 -28.69
C ASP B 135 -20.36 16.37 -29.52
N GLN B 136 -21.31 17.21 -29.11
CA GLN B 136 -21.49 18.53 -29.79
C GLN B 136 -20.28 19.40 -29.69
N GLY B 137 -19.62 19.35 -28.54
CA GLY B 137 -18.37 20.10 -28.33
C GLY B 137 -17.27 19.68 -29.29
N LYS B 138 -17.32 18.40 -29.71
CA LYS B 138 -16.33 17.91 -30.67
C LYS B 138 -16.52 18.49 -32.08
N GLN B 139 -17.73 18.92 -32.42
CA GLN B 139 -17.96 19.53 -33.70
C GLN B 139 -18.04 21.01 -33.67
N SER B 140 -17.99 21.65 -32.49
CA SER B 140 -18.23 23.09 -32.40
C SER B 140 -16.99 23.90 -32.23
N GLY B 141 -15.83 23.25 -32.07
CA GLY B 141 -14.58 24.01 -31.84
C GLY B 141 -14.14 23.97 -30.38
N LEU B 142 -14.91 23.33 -29.51
CA LEU B 142 -14.53 23.28 -28.10
C LEU B 142 -13.62 22.13 -27.71
N ILE B 143 -13.99 20.94 -28.15
CA ILE B 143 -13.31 19.71 -27.82
C ILE B 143 -12.69 19.19 -29.10
N LYS B 144 -11.46 18.70 -28.99
CA LYS B 144 -10.78 18.10 -30.15
C LYS B 144 -11.65 16.98 -30.72
N PRO B 145 -11.74 16.91 -32.07
CA PRO B 145 -12.60 15.90 -32.72
C PRO B 145 -11.85 14.56 -32.81
N VAL B 146 -11.76 13.90 -31.67
CA VAL B 146 -11.07 12.67 -31.53
C VAL B 146 -11.99 11.59 -31.04
N PRO B 147 -11.63 10.33 -31.26
CA PRO B 147 -12.39 9.21 -30.77
C PRO B 147 -12.62 9.26 -29.29
N PHE B 148 -13.81 8.84 -28.87
CA PHE B 148 -14.17 8.91 -27.49
C PHE B 148 -13.21 8.23 -26.53
N PRO B 149 -12.63 7.10 -26.91
CA PRO B 149 -11.70 6.49 -25.96
C PRO B 149 -10.55 7.43 -25.51
N LEU B 150 -10.15 8.34 -26.40
CA LEU B 150 -9.13 9.34 -26.03
C LEU B 150 -9.70 10.38 -25.03
N LEU B 151 -10.97 10.77 -25.20
CA LEU B 151 -11.62 11.66 -24.27
C LEU B 151 -11.70 11.02 -22.88
N GLU B 152 -12.07 9.74 -22.84
CA GLU B 152 -12.11 8.96 -21.59
C GLU B 152 -10.77 8.94 -20.90
N THR B 153 -9.73 8.70 -21.70
CA THR B 153 -8.34 8.61 -21.22
C THR B 153 -7.83 9.87 -20.55
N PHE B 154 -8.17 11.02 -21.12
CA PHE B 154 -7.64 12.28 -20.65
C PHE B 154 -8.58 13.12 -19.75
N PHE B 156 -11.64 11.52 -17.92
CA PHE B 156 -12.27 10.75 -16.81
C PHE B 156 -11.32 9.85 -16.05
N ARG B 157 -10.50 9.12 -16.79
CA ARG B 157 -9.59 8.20 -16.15
C ARG B 157 -8.62 8.88 -15.21
N PRO B 158 -8.19 10.12 -15.50
CA PRO B 158 -7.21 10.65 -14.54
C PRO B 158 -7.77 10.88 -13.12
N ILE B 159 -9.07 11.06 -12.98
CA ILE B 159 -9.72 11.20 -11.66
C ILE B 159 -9.48 9.91 -10.82
N TYR B 160 -9.77 8.76 -11.39
CA TYR B 160 -9.46 7.46 -10.76
C TYR B 160 -7.98 7.34 -10.33
N HIS B 161 -7.08 7.63 -11.25
CA HIS B 161 -5.63 7.52 -10.99
C HIS B 161 -5.18 8.48 -9.89
N LEU B 162 -5.65 9.72 -9.94
CA LEU B 162 -5.25 10.73 -8.95
C LEU B 162 -5.89 10.48 -7.59
N VAL B 163 -7.15 10.04 -7.57
CA VAL B 163 -7.77 9.64 -6.29
C VAL B 163 -6.92 8.54 -5.60
N GLN B 164 -6.50 7.58 -6.40
CA GLN B 164 -5.71 6.45 -5.89
C GLN B 164 -4.39 6.95 -5.33
N ARG B 165 -3.69 7.80 -6.10
CA ARG B 165 -2.47 8.44 -5.59
C ARG B 165 -2.71 9.21 -4.29
N CYS B 166 -3.82 9.91 -4.19
CA CYS B 166 -4.11 10.67 -2.98
CA CYS B 166 -4.11 10.69 -3.00
C CYS B 166 -4.24 9.74 -1.80
N LEU B 167 -5.02 8.68 -1.96
CA LEU B 167 -5.26 7.75 -0.85
C LEU B 167 -3.98 6.96 -0.43
N GLN B 168 -3.02 6.82 -1.35
CA GLN B 168 -1.73 6.14 -1.12
CA GLN B 168 -1.75 6.13 -1.06
C GLN B 168 -0.61 7.11 -0.71
N GLY B 169 -0.94 8.41 -0.54
CA GLY B 169 0.01 9.42 -0.12
C GLY B 169 1.02 10.01 -1.08
N SER B 170 0.79 9.84 -2.39
CA SER B 170 1.72 10.35 -3.40
C SER B 170 1.17 11.60 -4.08
N PHE B 171 -0.01 12.06 -3.66
CA PHE B 171 -0.60 13.27 -4.15
C PHE B 171 -1.49 13.90 -3.08
N GLU B 172 -1.50 15.21 -2.93
CA GLU B 172 -2.44 15.77 -1.96
C GLU B 172 -3.69 16.30 -2.63
N GLY B 173 -4.83 15.77 -2.25
CA GLY B 173 -6.12 16.13 -2.87
C GLY B 173 -6.75 17.41 -2.32
N THR B 174 -6.01 18.49 -2.36
CA THR B 174 -6.54 19.82 -2.03
C THR B 174 -7.44 20.33 -3.15
N ASP B 175 -8.32 21.28 -2.81
CA ASP B 175 -9.20 21.89 -3.81
C ASP B 175 -8.37 22.47 -4.96
N GLU B 176 -7.28 23.15 -4.59
CA GLU B 176 -6.35 23.72 -5.54
C GLU B 176 -5.78 22.70 -6.52
N HIS B 177 -5.25 21.61 -5.97
CA HIS B 177 -4.70 20.53 -6.79
C HIS B 177 -5.76 19.87 -7.68
N ILE B 178 -6.97 19.69 -7.16
CA ILE B 178 -8.04 19.09 -7.94
C ILE B 178 -8.33 19.99 -9.15
N GLU B 179 -8.33 21.31 -8.91
CA GLU B 179 -8.61 22.30 -9.98
C GLU B 179 -7.48 22.30 -11.01
N LEU B 180 -6.23 22.29 -10.56
CA LEU B 180 -5.07 22.26 -11.42
C LEU B 180 -5.08 21.02 -12.32
N ALA B 181 -5.39 19.87 -11.73
CA ALA B 181 -5.52 18.63 -12.49
C ALA B 181 -6.64 18.77 -13.54
N PHE B 182 -7.80 19.34 -13.17
CA PHE B 182 -8.84 19.59 -14.18
C PHE B 182 -8.34 20.50 -15.31
N ASN B 183 -7.62 21.56 -14.97
CA ASN B 183 -7.09 22.45 -16.02
C ASN B 183 -6.18 21.70 -17.05
N ALA B 185 -6.50 18.40 -17.68
CA ALA B 185 -7.42 17.52 -18.41
C ALA B 185 -8.14 18.29 -19.50
N TRP B 186 -8.56 19.51 -19.19
CA TRP B 186 -9.20 20.36 -20.17
C TRP B 186 -8.26 20.70 -21.30
N ASP B 187 -7.05 21.14 -20.97
CA ASP B 187 -6.04 21.42 -21.99
C ASP B 187 -5.81 20.19 -22.89
N ALA B 188 -5.78 19.01 -22.30
CA ALA B 188 -5.62 17.77 -23.08
C ALA B 188 -6.73 17.60 -24.17
N VAL B 189 -7.99 17.82 -23.78
CA VAL B 189 -9.14 17.58 -24.66
C VAL B 189 -9.60 18.76 -25.52
N ALA B 190 -9.20 19.95 -25.12
CA ALA B 190 -9.75 21.20 -25.71
C ALA B 190 -9.15 21.47 -27.10
N ASP B 191 -10.00 21.87 -28.03
CA ASP B 191 -9.60 22.18 -29.37
C ASP B 191 -8.93 23.55 -29.28
N ARG B 192 -7.67 23.67 -29.73
CA ARG B 192 -6.93 24.98 -29.64
C ARG B 192 -7.09 25.87 -30.86
N ARG B 193 -7.93 25.47 -31.81
CA ARG B 193 -8.13 26.32 -33.01
C ARG B 193 -8.73 27.65 -32.55
N ASN B 194 -8.10 28.74 -33.02
CA ASN B 194 -8.47 30.14 -32.74
C ASN B 194 -7.90 30.73 -31.45
N THR B 195 -7.21 29.95 -30.62
CA THR B 195 -6.53 30.51 -29.49
C THR B 195 -5.03 30.19 -29.60
N GLY C 1 27.68 29.79 1.84
CA GLY C 1 29.12 29.55 2.17
C GLY C 1 29.33 28.11 2.63
N ARG C 3 29.04 26.83 5.67
CA ARG C 3 27.95 26.36 6.57
C ARG C 3 26.76 25.74 5.81
N GLN C 4 26.40 26.34 4.66
CA GLN C 4 25.29 25.88 3.80
C GLN C 4 25.70 24.58 3.11
N ARG C 5 26.93 24.54 2.57
CA ARG C 5 27.46 23.32 1.95
C ARG C 5 27.48 22.19 3.00
N ASP C 6 27.99 22.49 4.20
CA ASP C 6 27.99 21.55 5.31
C ASP C 6 26.57 21.01 5.58
N ASP C 7 25.59 21.90 5.73
CA ASP C 7 24.25 21.44 6.07
C ASP C 7 23.64 20.63 4.91
N SER C 8 23.97 20.98 3.67
CA SER C 8 23.47 20.23 2.52
C SER C 8 24.03 18.79 2.58
N LYS C 9 25.31 18.67 2.89
CA LYS C 9 25.91 17.33 3.05
C LYS C 9 25.34 16.53 4.24
N ARG C 10 25.19 17.18 5.39
CA ARG C 10 24.59 16.53 6.55
C ARG C 10 23.21 16.02 6.19
N ILE C 11 22.39 16.86 5.55
CA ILE C 11 21.05 16.46 5.17
CA ILE C 11 21.05 16.48 5.15
C ILE C 11 21.08 15.22 4.28
N ALA C 12 22.00 15.19 3.32
CA ALA C 12 22.16 14.02 2.48
C ALA C 12 22.50 12.74 3.26
N PHE C 13 23.38 12.83 4.25
CA PHE C 13 23.70 11.65 5.07
C PHE C 13 22.50 11.21 5.93
N LEU C 14 21.76 12.19 6.47
CA LEU C 14 20.61 11.89 7.31
C LEU C 14 19.52 11.17 6.47
N GLU C 15 19.15 11.74 5.31
CA GLU C 15 18.16 11.14 4.43
C GLU C 15 18.63 9.80 3.93
N ALA C 16 19.95 9.68 3.64
CA ALA C 16 20.45 8.39 3.14
C ALA C 16 20.31 7.34 4.23
N THR C 17 20.56 7.74 5.49
CA THR C 17 20.43 6.82 6.62
C THR C 17 18.99 6.33 6.80
N VAL C 18 18.07 7.27 6.73
CA VAL C 18 16.65 6.97 6.73
C VAL C 18 16.27 5.95 5.67
N ARG C 19 16.65 6.18 4.41
CA ARG C 19 16.27 5.30 3.33
C ARG C 19 16.89 3.92 3.55
N GLU C 20 18.22 3.92 3.76
CA GLU C 20 18.94 2.65 3.89
C GLU C 20 18.43 1.79 5.05
N VAL C 21 18.30 2.39 6.24
CA VAL C 21 17.83 1.63 7.37
C VAL C 21 16.39 1.19 7.22
N ALA C 22 15.53 2.05 6.69
CA ALA C 22 14.11 1.71 6.47
C ALA C 22 13.99 0.46 5.59
N ASP C 23 14.83 0.41 4.57
CA ASP C 23 14.79 -0.66 3.59
CA ASP C 23 14.82 -0.69 3.60
C ASP C 23 15.56 -1.95 4.05
N HIS C 24 16.72 -1.79 4.67
CA HIS C 24 17.59 -2.96 4.98
C HIS C 24 17.90 -3.27 6.48
N GLY C 25 17.53 -2.37 7.38
CA GLY C 25 17.80 -2.46 8.80
C GLY C 25 19.19 -1.93 9.16
N PHE C 26 19.48 -1.88 10.46
CA PHE C 26 20.76 -1.40 10.97
C PHE C 26 21.99 -2.22 10.67
N SER C 27 21.96 -3.51 10.99
CA SER C 27 23.13 -4.38 10.84
C SER C 27 23.68 -4.49 9.42
N ALA C 28 22.79 -4.48 8.45
CA ALA C 28 23.18 -4.54 7.06
C ALA C 28 23.60 -3.17 6.50
N THR C 29 23.21 -2.08 7.16
CA THR C 29 23.53 -0.72 6.66
C THR C 29 24.90 -0.26 7.21
N SER C 30 25.90 -0.31 6.35
CA SER C 30 27.23 0.15 6.67
C SER C 30 27.37 1.63 6.38
N VAL C 31 28.40 2.24 6.97
CA VAL C 31 28.75 3.64 6.66
C VAL C 31 28.98 3.80 5.14
N GLY C 32 29.64 2.81 4.56
CA GLY C 32 29.88 2.77 3.11
C GLY C 32 28.62 2.89 2.26
N LYS C 33 27.62 2.07 2.60
CA LYS C 33 26.30 2.12 1.91
C LYS C 33 25.60 3.44 2.09
N ILE C 34 25.58 3.94 3.31
CA ILE C 34 24.96 5.26 3.55
C ILE C 34 25.66 6.34 2.72
N ALA C 35 26.98 6.35 2.78
CA ALA C 35 27.76 7.39 2.06
C ALA C 35 27.43 7.33 0.54
N LYS C 36 27.47 6.13 -0.06
CA LYS C 36 27.16 5.98 -1.51
CA LYS C 36 27.16 6.00 -1.50
C LYS C 36 25.74 6.49 -1.83
N ALA C 37 24.77 6.12 -0.98
CA ALA C 37 23.38 6.56 -1.16
C ALA C 37 23.33 8.10 -1.06
N ALA C 38 24.17 8.67 -0.23
CA ALA C 38 24.22 10.13 -0.09
C ALA C 38 25.00 10.85 -1.20
N GLY C 39 25.73 10.11 -2.06
CA GLY C 39 26.55 10.78 -3.12
C GLY C 39 27.85 11.35 -2.55
N LEU C 40 28.33 10.82 -1.42
CA LEU C 40 29.52 11.37 -0.77
C LEU C 40 30.36 10.22 -0.33
N SER C 41 31.56 10.53 0.14
CA SER C 41 32.48 9.48 0.55
C SER C 41 32.36 9.11 2.01
N PRO C 42 32.74 7.86 2.38
CA PRO C 42 32.83 7.53 3.82
C PRO C 42 33.73 8.48 4.62
N ALA C 43 34.85 8.91 4.03
CA ALA C 43 35.74 9.87 4.69
C ALA C 43 35.00 11.15 5.04
N THR C 44 34.13 11.60 4.14
CA THR C 44 33.33 12.79 4.40
C THR C 44 32.28 12.49 5.49
N LEU C 45 31.71 11.29 5.47
CA LEU C 45 30.74 10.93 6.51
C LEU C 45 31.35 11.10 7.91
N TYR C 46 32.58 10.61 8.04
CA TYR C 46 33.33 10.67 9.29
C TYR C 46 33.78 12.10 9.67
N ILE C 47 33.76 13.06 8.72
CA ILE C 47 34.00 14.45 9.08
C ILE C 47 32.80 15.05 9.86
N TYR C 48 31.60 14.65 9.50
CA TYR C 48 30.37 15.19 10.07
C TYR C 48 29.83 14.41 11.25
N TYR C 49 30.12 13.10 11.32
CA TYR C 49 29.61 12.19 12.36
C TYR C 49 30.80 11.35 12.84
N GLU C 50 31.00 11.25 14.14
CA GLU C 50 32.22 10.61 14.64
C GLU C 50 32.26 9.15 14.20
N ASP C 51 31.10 8.50 14.19
CA ASP C 51 30.99 7.07 13.94
C ASP C 51 29.57 6.76 13.53
N LYS C 52 29.33 5.50 13.17
CA LYS C 52 27.99 5.09 12.78
C LYS C 52 26.92 5.44 13.82
N GLU C 53 27.20 5.17 15.09
CA GLU C 53 26.24 5.41 16.15
C GLU C 53 25.76 6.87 16.17
N GLN C 54 26.67 7.80 16.03
CA GLN C 54 26.34 9.20 16.13
C GLN C 54 25.45 9.59 14.97
N LEU C 55 25.70 9.01 13.79
CA LEU C 55 24.83 9.22 12.63
C LEU C 55 23.46 8.59 12.82
N LEU C 56 23.44 7.37 13.35
CA LEU C 56 22.14 6.74 13.61
C LEU C 56 21.27 7.57 14.56
N LEU C 57 21.89 8.13 15.55
CA LEU C 57 21.19 8.95 16.54
C LEU C 57 20.84 10.30 15.98
N ALA C 58 21.74 10.94 15.25
CA ALA C 58 21.41 12.22 14.61
C ALA C 58 20.22 12.03 13.71
N THR C 59 20.19 10.89 13.03
CA THR C 59 19.10 10.60 12.09
C THR C 59 17.79 10.41 12.87
N PHE C 60 17.86 9.69 13.98
CA PHE C 60 16.71 9.50 14.85
C PHE C 60 16.08 10.83 15.32
N TYR C 61 16.93 11.77 15.74
CA TYR C 61 16.43 13.12 16.12
C TYR C 61 15.95 13.94 14.91
N TYR C 62 16.62 13.83 13.76
CA TYR C 62 16.16 14.48 12.55
C TYR C 62 14.74 14.00 12.17
N VAL C 63 14.49 12.70 12.31
CA VAL C 63 13.19 12.09 11.99
C VAL C 63 12.19 12.51 13.12
N SER C 64 12.59 12.28 14.36
CA SER C 64 11.73 12.53 15.53
C SER C 64 11.26 13.98 15.62
N ASP C 65 12.19 14.91 15.42
CA ASP C 65 11.88 16.34 15.53
C ASP C 65 10.82 16.80 14.52
N GLN C 66 10.94 16.35 13.27
CA GLN C 66 9.99 16.78 12.27
C GLN C 66 8.61 16.25 12.60
N VAL C 67 8.54 14.98 12.98
CA VAL C 67 7.27 14.35 13.29
C VAL C 67 6.64 14.91 14.58
N ILE C 68 7.43 14.94 15.64
CA ILE C 68 6.99 15.52 16.92
C ILE C 68 6.50 16.97 16.79
N ASP C 69 7.29 17.79 16.12
CA ASP C 69 6.93 19.20 15.95
C ASP C 69 5.61 19.36 15.16
N ALA C 70 5.44 18.55 14.11
CA ALA C 70 4.20 18.58 13.32
C ALA C 70 3.02 18.13 14.21
N ALA C 71 3.21 17.06 14.96
CA ALA C 71 2.19 16.55 15.87
C ALA C 71 1.79 17.60 16.93
N LEU C 72 2.79 18.17 17.57
CA LEU C 72 2.58 19.18 18.63
CA LEU C 72 2.50 19.13 18.65
C LEU C 72 1.84 20.39 18.11
N ASP C 73 2.24 20.83 16.92
CA ASP C 73 1.62 22.00 16.32
C ASP C 73 0.08 21.75 16.10
N SER C 74 -0.21 20.61 15.49
CA SER C 74 -1.54 20.20 15.19
C SER C 74 -2.35 19.99 16.47
N PHE C 75 -1.74 19.37 17.46
CA PHE C 75 -2.38 19.14 18.76
C PHE C 75 -2.79 20.46 19.43
N SER C 76 -1.88 21.44 19.33
CA SER C 76 -2.00 22.67 20.11
C SER C 76 -3.21 23.49 19.76
N ARG C 77 -3.74 23.26 18.57
CA ARG C 77 -4.91 23.95 18.08
C ARG C 77 -6.23 23.36 18.48
N GLY C 78 -6.24 22.13 18.99
CA GLY C 78 -7.48 21.55 19.45
C GLY C 78 -8.00 22.32 20.67
N LYS C 79 -9.33 22.41 20.79
CA LYS C 79 -9.94 23.15 21.89
C LYS C 79 -9.95 22.39 23.19
N ASP C 80 -9.76 21.06 23.12
CA ASP C 80 -9.67 20.21 24.30
C ASP C 80 -8.80 19.00 23.98
N LEU C 81 -8.61 18.13 24.95
CA LEU C 81 -7.66 17.04 24.79
C LEU C 81 -8.10 16.13 23.67
N ARG C 82 -9.37 15.74 23.69
CA ARG C 82 -9.84 14.81 22.66
C ARG C 82 -9.65 15.39 21.26
N GLU C 83 -10.00 16.66 21.10
CA GLU C 83 -9.89 17.30 19.81
C GLU C 83 -8.42 17.52 19.39
N GLY C 84 -7.54 17.87 20.32
CA GLY C 84 -6.12 17.98 19.99
C GLY C 84 -5.59 16.64 19.55
N LEU C 85 -5.94 15.58 20.29
CA LEU C 85 -5.49 14.24 19.90
C LEU C 85 -6.04 13.82 18.51
N ARG C 86 -7.28 14.18 18.22
CA ARG C 86 -7.89 13.89 16.91
C ARG C 86 -7.12 14.57 15.77
N ARG C 87 -6.84 15.83 15.95
CA ARG C 87 -6.07 16.58 14.94
C ARG C 87 -4.72 15.98 14.73
N GLN C 88 -3.98 15.72 15.81
CA GLN C 88 -2.65 15.18 15.65
CA GLN C 88 -2.67 15.14 15.77
C GLN C 88 -2.70 13.76 15.07
N TRP C 89 -3.74 13.01 15.33
CA TRP C 89 -3.89 11.67 14.73
C TRP C 89 -4.00 11.77 13.20
N HIS C 90 -4.83 12.71 12.72
CA HIS C 90 -4.95 12.93 11.27
C HIS C 90 -3.61 13.41 10.68
N THR C 91 -2.93 14.29 11.38
CA THR C 91 -1.63 14.80 10.92
C THR C 91 -0.60 13.69 10.81
N LEU C 92 -0.53 12.84 11.82
CA LEU C 92 0.45 11.81 11.84
C LEU C 92 0.15 10.79 10.75
N PHE C 93 -1.14 10.50 10.58
CA PHE C 93 -1.52 9.48 9.58
C PHE C 93 -1.08 9.97 8.21
N ARG C 94 -1.26 11.27 7.92
CA ARG C 94 -0.86 11.83 6.63
C ARG C 94 0.67 11.86 6.44
N ILE C 95 1.41 12.16 7.50
CA ILE C 95 2.84 12.09 7.44
C ILE C 95 3.33 10.67 7.16
N GLY C 96 2.77 9.67 7.83
CA GLY C 96 3.15 8.28 7.59
C GLY C 96 2.89 7.87 6.13
N LEU C 97 1.74 8.28 5.60
CA LEU C 97 1.40 7.96 4.21
C LEU C 97 2.36 8.62 3.24
N GLU C 98 2.69 9.88 3.49
CA GLU C 98 3.54 10.63 2.53
C GLU C 98 5.01 10.33 2.69
N ARG C 99 5.42 10.02 3.90
CA ARG C 99 6.84 9.79 4.19
C ARG C 99 7.00 8.55 5.09
N PRO C 100 6.60 7.38 4.56
CA PRO C 100 6.58 6.20 5.38
C PRO C 100 7.93 5.81 5.92
N GLU C 101 8.98 6.17 5.18
CA GLU C 101 10.35 5.91 5.59
CA GLU C 101 10.34 5.88 5.62
C GLU C 101 10.65 6.58 6.95
N LEU C 102 10.03 7.74 7.22
CA LEU C 102 10.26 8.42 8.51
C LEU C 102 9.74 7.56 9.66
N PHE C 103 8.55 7.00 9.52
CA PHE C 103 7.96 6.16 10.53
C PHE C 103 8.73 4.86 10.69
N ARG C 104 9.13 4.25 9.58
CA ARG C 104 9.88 3.02 9.59
CA ARG C 104 9.85 3.00 9.70
C ARG C 104 11.20 3.25 10.37
N TYR C 105 11.88 4.35 10.07
CA TYR C 105 13.16 4.61 10.76
C TYR C 105 12.97 4.74 12.28
N HIS C 106 11.98 5.53 12.65
CA HIS C 106 11.65 5.76 14.05
C HIS C 106 11.31 4.44 14.76
N GLU C 107 10.48 3.62 14.12
CA GLU C 107 10.10 2.28 14.63
C GLU C 107 11.30 1.33 14.73
N THR C 108 12.07 1.27 13.67
CA THR C 108 13.21 0.37 13.66
C THR C 108 14.16 0.78 14.82
N PHE C 109 14.44 2.08 14.92
CA PHE C 109 15.33 2.57 15.96
C PHE C 109 14.79 2.28 17.37
N THR C 110 13.53 2.62 17.66
CA THR C 110 12.99 2.48 19.05
C THR C 110 12.93 1.03 19.53
N HIS C 111 12.97 0.08 18.60
CA HIS C 111 12.92 -1.34 18.94
C HIS C 111 14.30 -1.97 18.75
N SER C 112 15.35 -1.15 18.65
CA SER C 112 16.69 -1.68 18.46
C SER C 112 17.47 -1.49 19.71
N ALA C 113 18.66 -2.09 19.74
CA ALA C 113 19.58 -1.97 20.88
C ALA C 113 20.22 -0.59 20.91
N TRP C 114 19.98 0.23 19.88
CA TRP C 114 20.43 1.62 19.95
C TRP C 114 19.54 2.51 20.80
N THR C 116 17.76 3.97 24.03
CA THR C 116 18.06 4.08 25.46
C THR C 116 16.99 4.88 26.24
N PRO C 117 16.91 4.65 27.56
CA PRO C 117 16.07 5.53 28.37
C PRO C 117 16.40 7.04 28.21
N GLU C 118 17.66 7.42 28.04
CA GLU C 118 18.06 8.85 27.87
C GLU C 118 17.49 9.49 26.57
N ILE C 119 17.48 8.69 25.49
CA ILE C 119 16.91 9.13 24.19
C ILE C 119 15.40 9.25 24.35
N GLN C 120 14.79 8.26 25.01
CA GLN C 120 13.35 8.32 25.29
C GLN C 120 13.03 9.62 26.05
N ALA C 121 13.79 9.92 27.08
CA ALA C 121 13.58 11.11 27.92
C ALA C 121 13.79 12.41 27.12
N ARG C 122 14.72 12.42 26.17
CA ARG C 122 14.93 13.58 25.29
C ARG C 122 13.69 13.85 24.40
N ASN C 123 13.14 12.82 23.79
CA ASN C 123 11.94 13.00 22.95
C ASN C 123 10.69 13.35 23.80
N GLU C 124 10.56 12.77 25.00
CA GLU C 124 9.43 13.11 25.90
C GLU C 124 9.50 14.56 26.23
N SER C 125 10.73 15.04 26.46
CA SER C 125 10.97 16.43 26.75
C SER C 125 10.58 17.34 25.57
N ARG C 126 10.93 16.95 24.35
CA ARG C 126 10.46 17.72 23.20
C ARG C 126 8.91 17.70 23.04
N ALA C 127 8.26 16.59 23.42
CA ALA C 127 6.82 16.43 23.34
C ALA C 127 6.09 16.83 24.63
N ALA C 128 6.76 17.55 25.53
CA ALA C 128 6.20 17.84 26.86
C ALA C 128 4.80 18.43 26.83
N ASN C 129 4.50 19.34 25.92
CA ASN C 129 3.16 19.92 25.93
C ASN C 129 2.13 18.84 25.75
N LEU C 130 2.38 17.90 24.83
CA LEU C 130 1.43 16.83 24.60
C LEU C 130 1.33 15.94 25.82
N LEU C 131 2.48 15.56 26.37
CA LEU C 131 2.48 14.66 27.53
C LEU C 131 1.86 15.32 28.78
N ASN C 132 2.14 16.60 29.00
CA ASN C 132 1.53 17.37 30.08
C ASN C 132 0.01 17.36 29.94
N ALA C 133 -0.49 17.55 28.70
CA ALA C 133 -1.96 17.53 28.43
C ALA C 133 -2.56 16.14 28.75
N VAL C 134 -1.89 15.08 28.31
CA VAL C 134 -2.35 13.72 28.60
C VAL C 134 -2.32 13.47 30.12
N ASP C 135 -1.29 13.95 30.80
CA ASP C 135 -1.19 13.79 32.25
C ASP C 135 -2.32 14.52 32.99
N GLN C 136 -2.66 15.74 32.54
CA GLN C 136 -3.78 16.47 33.14
C GLN C 136 -5.10 15.71 32.88
N GLY C 137 -5.24 15.07 31.74
CA GLY C 137 -6.36 14.21 31.50
C GLY C 137 -6.48 13.08 32.54
N LYS C 138 -5.35 12.50 32.93
CA LYS C 138 -5.34 11.49 33.99
C LYS C 138 -5.72 12.09 35.35
N GLN C 139 -5.18 13.27 35.66
CA GLN C 139 -5.48 13.95 36.94
C GLN C 139 -6.93 14.21 37.13
N SER C 140 -7.64 14.59 36.06
CA SER C 140 -9.05 14.97 36.15
C SER C 140 -10.00 13.79 36.07
N GLY C 141 -9.50 12.59 35.78
CA GLY C 141 -10.37 11.42 35.60
C GLY C 141 -10.88 11.23 34.16
N LEU C 142 -10.43 12.07 33.22
CA LEU C 142 -10.87 11.94 31.84
C LEU C 142 -10.19 10.74 31.16
N ILE C 143 -8.91 10.55 31.45
CA ILE C 143 -8.10 9.50 30.83
C ILE C 143 -7.89 8.45 31.89
N LYS C 144 -7.85 7.18 31.46
CA LYS C 144 -7.57 6.09 32.38
C LYS C 144 -6.24 6.33 33.09
N PRO C 145 -6.20 5.99 34.40
CA PRO C 145 -4.99 6.13 35.23
C PRO C 145 -4.03 5.00 35.00
N VAL C 146 -3.43 4.96 33.83
CA VAL C 146 -2.57 3.87 33.47
C VAL C 146 -1.26 4.45 32.97
N PRO C 147 -0.20 3.64 33.04
CA PRO C 147 1.10 4.08 32.64
C PRO C 147 1.11 4.52 31.19
N PHE C 148 2.01 5.44 30.88
CA PHE C 148 2.17 5.96 29.54
CA PHE C 148 2.10 5.95 29.53
C PHE C 148 2.44 4.87 28.46
N PRO C 149 3.16 3.79 28.85
CA PRO C 149 3.36 2.78 27.78
C PRO C 149 2.03 2.20 27.25
N LEU C 150 1.04 2.03 28.12
CA LEU C 150 -0.29 1.57 27.72
C LEU C 150 -1.02 2.63 26.92
N LEU C 151 -0.89 3.87 27.34
CA LEU C 151 -1.50 5.00 26.60
C LEU C 151 -0.93 5.05 25.18
N GLU C 152 0.39 5.00 25.06
CA GLU C 152 1.06 5.06 23.74
C GLU C 152 0.68 3.90 22.81
N THR C 153 0.48 2.73 23.41
CA THR C 153 0.18 1.53 22.66
C THR C 153 -1.16 1.66 21.97
N PHE C 154 -2.08 2.35 22.61
CA PHE C 154 -3.41 2.54 22.06
C PHE C 154 -3.70 3.86 21.35
N PHE C 156 -1.08 6.03 19.97
CA PHE C 156 -0.06 6.36 18.94
C PHE C 156 0.30 5.18 18.00
N ARG C 157 0.61 4.01 18.58
CA ARG C 157 1.05 2.87 17.80
C ARG C 157 0.14 2.40 16.69
N PRO C 158 -1.20 2.45 16.89
CA PRO C 158 -2.10 2.04 15.82
C PRO C 158 -1.96 2.84 14.50
N ILE C 159 -1.54 4.09 14.61
CA ILE C 159 -1.34 4.93 13.42
C ILE C 159 -0.36 4.27 12.45
N TYR C 160 0.76 3.81 13.00
CA TYR C 160 1.80 3.16 12.22
C TYR C 160 1.27 1.90 11.49
N HIS C 161 0.50 1.08 12.20
CA HIS C 161 -0.04 -0.16 11.59
C HIS C 161 -1.09 0.15 10.52
N LEU C 162 -1.93 1.13 10.76
CA LEU C 162 -2.93 1.49 9.76
C LEU C 162 -2.29 2.11 8.54
N VAL C 163 -1.28 2.96 8.76
CA VAL C 163 -0.53 3.49 7.63
C VAL C 163 0.03 2.34 6.79
N GLN C 164 0.68 1.40 7.44
CA GLN C 164 1.21 0.22 6.72
C GLN C 164 0.11 -0.53 5.92
N ARG C 165 -1.02 -0.81 6.54
CA ARG C 165 -2.12 -1.48 5.83
CA ARG C 165 -2.09 -1.50 5.82
C ARG C 165 -2.59 -0.69 4.63
N CYS C 166 -2.66 0.64 4.78
CA CYS C 166 -3.05 1.52 3.67
CA CYS C 166 -3.05 1.52 3.69
C CYS C 166 -2.07 1.45 2.51
N LEU C 167 -0.77 1.49 2.82
CA LEU C 167 0.27 1.52 1.79
C LEU C 167 0.32 0.20 1.07
N GLN C 168 0.03 -0.89 1.79
CA GLN C 168 0.02 -2.24 1.24
C GLN C 168 -1.30 -2.57 0.50
N GLY C 169 -2.28 -1.68 0.57
CA GLY C 169 -3.52 -1.82 -0.17
C GLY C 169 -4.62 -2.58 0.54
N SER C 170 -4.43 -2.88 1.82
CA SER C 170 -5.42 -3.68 2.56
C SER C 170 -6.31 -2.85 3.48
N PHE C 171 -6.38 -1.54 3.25
CA PHE C 171 -7.21 -0.68 4.07
C PHE C 171 -7.24 0.74 3.53
N GLU C 172 -8.40 1.25 3.11
CA GLU C 172 -8.48 2.59 2.51
C GLU C 172 -8.35 3.72 3.56
N GLY C 173 -7.37 4.60 3.36
CA GLY C 173 -7.17 5.75 4.24
C GLY C 173 -8.16 6.89 4.03
N THR C 174 -9.45 6.60 4.03
CA THR C 174 -10.46 7.64 3.92
C THR C 174 -10.51 8.42 5.24
N ASP C 175 -10.97 9.67 5.15
CA ASP C 175 -11.23 10.49 6.34
C ASP C 175 -12.10 9.70 7.34
N GLU C 176 -13.15 9.08 6.85
CA GLU C 176 -14.05 8.30 7.70
C GLU C 176 -13.32 7.18 8.45
N HIS C 177 -12.55 6.36 7.73
CA HIS C 177 -11.82 5.29 8.35
C HIS C 177 -10.84 5.75 9.43
N ILE C 178 -10.15 6.83 9.12
CA ILE C 178 -9.14 7.40 10.02
C ILE C 178 -9.84 7.92 11.27
N GLU C 179 -11.02 8.51 11.08
CA GLU C 179 -11.81 9.08 12.13
C GLU C 179 -12.36 7.93 13.01
N LEU C 180 -12.83 6.86 12.37
CA LEU C 180 -13.31 5.69 13.09
C LEU C 180 -12.23 5.05 13.98
N ALA C 181 -11.03 4.97 13.44
CA ALA C 181 -9.94 4.38 14.16
C ALA C 181 -9.57 5.27 15.36
N PHE C 182 -9.56 6.58 15.15
CA PHE C 182 -9.34 7.52 16.28
C PHE C 182 -10.38 7.32 17.39
N ASN C 183 -11.62 7.22 16.98
CA ASN C 183 -12.71 7.02 17.94
C ASN C 183 -12.50 5.80 18.80
N ALA C 185 -9.43 4.46 19.42
CA ALA C 185 -8.29 4.82 20.27
C ALA C 185 -8.73 5.64 21.48
N TRP C 186 -9.64 6.60 21.25
CA TRP C 186 -10.16 7.43 22.31
C TRP C 186 -10.88 6.58 23.35
N ASP C 187 -11.79 5.71 22.90
CA ASP C 187 -12.48 4.81 23.83
C ASP C 187 -11.51 3.95 24.64
N ALA C 188 -10.42 3.54 24.00
CA ALA C 188 -9.40 2.76 24.69
C ALA C 188 -8.77 3.52 25.84
N VAL C 189 -8.49 4.80 25.65
CA VAL C 189 -7.79 5.57 26.71
C VAL C 189 -8.71 6.34 27.65
N ALA C 190 -9.95 6.57 27.25
CA ALA C 190 -10.88 7.33 28.06
C ALA C 190 -11.35 6.52 29.23
N ASP C 191 -11.43 7.17 30.38
CA ASP C 191 -11.93 6.51 31.55
C ASP C 191 -13.47 6.52 31.54
N ARG C 192 -14.11 5.37 31.73
CA ARG C 192 -15.57 5.33 31.68
C ARG C 192 -16.12 5.55 33.09
N GLY D 1 13.76 -44.90 14.17
CA GLY D 1 12.35 -44.52 13.85
C GLY D 1 12.43 -43.54 12.69
N ARG D 3 9.92 -42.11 10.66
CA ARG D 3 8.99 -40.97 10.75
C ARG D 3 9.52 -39.95 11.74
N GLN D 4 10.20 -40.43 12.80
CA GLN D 4 10.78 -39.59 13.85
C GLN D 4 12.05 -38.83 13.38
N ARG D 5 12.93 -39.48 12.61
CA ARG D 5 14.14 -38.80 12.08
C ARG D 5 13.68 -37.69 11.13
N ASP D 6 12.76 -38.04 10.25
CA ASP D 6 12.14 -37.09 9.30
C ASP D 6 11.62 -35.84 10.03
N ASP D 7 10.69 -36.04 10.96
CA ASP D 7 10.09 -34.96 11.76
C ASP D 7 11.11 -34.09 12.48
N SER D 8 12.18 -34.71 12.96
CA SER D 8 13.24 -33.96 13.64
C SER D 8 14.01 -33.08 12.65
N LYS D 9 14.26 -33.55 11.41
CA LYS D 9 14.89 -32.72 10.39
CA LYS D 9 14.88 -32.72 10.39
C LYS D 9 13.89 -31.60 10.02
N ARG D 10 12.60 -31.92 9.93
CA ARG D 10 11.62 -30.87 9.61
C ARG D 10 11.62 -29.80 10.71
N ILE D 11 11.43 -30.24 11.95
CA ILE D 11 11.46 -29.32 13.08
C ILE D 11 12.78 -28.54 13.11
N ALA D 12 13.91 -29.20 12.88
CA ALA D 12 15.20 -28.46 12.82
C ALA D 12 15.13 -27.33 11.79
N PHE D 13 14.58 -27.66 10.60
CA PHE D 13 14.51 -26.66 9.54
C PHE D 13 13.52 -25.50 9.84
N LEU D 14 12.35 -25.85 10.40
CA LEU D 14 11.33 -24.88 10.73
C LEU D 14 11.85 -23.94 11.81
N GLU D 15 12.52 -24.51 12.83
CA GLU D 15 12.98 -23.73 13.96
C GLU D 15 14.12 -22.87 13.52
N ALA D 16 15.04 -23.45 12.73
CA ALA D 16 16.16 -22.69 12.16
C ALA D 16 15.65 -21.51 11.33
N THR D 17 14.58 -21.74 10.59
CA THR D 17 13.96 -20.68 9.76
C THR D 17 13.33 -19.58 10.66
N VAL D 18 12.54 -19.98 11.66
CA VAL D 18 12.02 -19.01 12.66
C VAL D 18 13.16 -18.17 13.22
N ARG D 19 14.22 -18.84 13.68
CA ARG D 19 15.38 -18.15 14.28
CA ARG D 19 15.33 -18.12 14.30
C ARG D 19 16.08 -17.23 13.33
N GLU D 20 16.49 -17.78 12.20
CA GLU D 20 17.23 -16.95 11.20
C GLU D 20 16.46 -15.73 10.74
N VAL D 21 15.18 -15.91 10.39
CA VAL D 21 14.36 -14.77 9.91
C VAL D 21 13.99 -13.80 11.05
N ALA D 22 13.62 -14.32 12.24
CA ALA D 22 13.38 -13.44 13.41
C ALA D 22 14.61 -12.55 13.62
N ASP D 23 15.80 -13.14 13.48
CA ASP D 23 17.08 -12.42 13.66
C ASP D 23 17.48 -11.48 12.55
N HIS D 24 17.46 -11.98 11.31
CA HIS D 24 18.07 -11.26 10.20
C HIS D 24 17.19 -10.91 9.01
N GLY D 25 15.93 -11.30 9.04
CA GLY D 25 15.05 -10.95 7.94
C GLY D 25 15.03 -12.01 6.85
N PHE D 26 14.07 -11.89 5.96
CA PHE D 26 13.96 -12.85 4.86
C PHE D 26 15.10 -12.76 3.86
N SER D 27 15.43 -11.56 3.38
CA SER D 27 16.33 -11.46 2.21
C SER D 27 17.70 -12.01 2.43
N ALA D 28 18.27 -11.72 3.60
CA ALA D 28 19.58 -12.22 3.97
C ALA D 28 19.59 -13.71 4.37
N THR D 29 18.43 -14.27 4.70
CA THR D 29 18.38 -15.65 5.17
C THR D 29 18.31 -16.59 3.98
N SER D 30 19.46 -17.12 3.63
CA SER D 30 19.57 -18.03 2.49
C SER D 30 19.26 -19.44 2.95
N VAL D 31 19.08 -20.33 1.99
CA VAL D 31 18.94 -21.77 2.22
C VAL D 31 20.21 -22.32 2.91
N GLY D 32 21.38 -21.78 2.56
CA GLY D 32 22.63 -22.17 3.22
C GLY D 32 22.67 -21.76 4.68
N LYS D 33 22.25 -20.53 4.96
CA LYS D 33 22.27 -20.10 6.34
C LYS D 33 21.25 -20.89 7.17
N ILE D 34 20.08 -21.15 6.60
CA ILE D 34 19.09 -21.98 7.29
C ILE D 34 19.63 -23.33 7.56
N ALA D 35 20.16 -23.98 6.53
CA ALA D 35 20.65 -25.35 6.67
C ALA D 35 21.72 -25.48 7.78
N LYS D 36 22.62 -24.50 7.87
CA LYS D 36 23.68 -24.50 8.90
C LYS D 36 23.08 -24.36 10.30
N ALA D 37 22.20 -23.38 10.50
CA ALA D 37 21.52 -23.23 11.78
C ALA D 37 20.75 -24.50 12.18
N ALA D 38 20.35 -25.31 11.21
CA ALA D 38 19.62 -26.56 11.48
C ALA D 38 20.56 -27.76 11.73
N GLY D 39 21.84 -27.60 11.44
CA GLY D 39 22.79 -28.72 11.50
C GLY D 39 22.67 -29.75 10.37
N LEU D 40 22.21 -29.30 9.20
CA LEU D 40 21.98 -30.18 8.05
C LEU D 40 22.49 -29.52 6.80
N SER D 41 22.52 -30.26 5.69
CA SER D 41 23.09 -29.72 4.48
C SER D 41 22.05 -29.03 3.60
N PRO D 42 22.48 -28.06 2.77
CA PRO D 42 21.51 -27.51 1.86
C PRO D 42 20.87 -28.60 0.96
N ALA D 43 21.62 -29.60 0.52
CA ALA D 43 21.05 -30.74 -0.23
C ALA D 43 19.83 -31.33 0.50
N THR D 44 19.99 -31.58 1.79
CA THR D 44 18.94 -32.16 2.63
C THR D 44 17.73 -31.21 2.72
N LEU D 45 17.99 -29.91 2.75
CA LEU D 45 16.93 -28.94 2.85
C LEU D 45 15.99 -29.05 1.64
N TYR D 46 16.58 -29.03 0.46
CA TYR D 46 15.81 -29.20 -0.77
C TYR D 46 15.15 -30.56 -0.93
N ILE D 47 15.57 -31.56 -0.18
CA ILE D 47 14.89 -32.85 -0.21
C ILE D 47 13.61 -32.81 0.63
N TYR D 48 13.56 -31.93 1.63
CA TYR D 48 12.36 -31.80 2.49
C TYR D 48 11.39 -30.69 2.03
N TYR D 49 11.93 -29.65 1.40
CA TYR D 49 11.12 -28.51 0.97
C TYR D 49 11.42 -28.23 -0.49
N GLU D 50 10.38 -27.98 -1.28
CA GLU D 50 10.61 -27.83 -2.72
C GLU D 50 11.62 -26.73 -2.99
N ASP D 51 11.47 -25.62 -2.28
CA ASP D 51 12.27 -24.42 -2.48
C ASP D 51 12.17 -23.56 -1.21
N LYS D 52 12.83 -22.41 -1.21
CA LYS D 52 12.80 -21.49 -0.06
C LYS D 52 11.37 -20.99 0.26
N GLU D 53 10.60 -20.63 -0.78
CA GLU D 53 9.24 -20.17 -0.55
CA GLU D 53 9.19 -20.22 -0.64
C GLU D 53 8.42 -21.17 0.24
N GLN D 54 8.48 -22.46 -0.15
CA GLN D 54 7.70 -23.51 0.55
CA GLN D 54 7.69 -23.48 0.55
C GLN D 54 8.11 -23.65 2.01
N LEU D 55 9.43 -23.55 2.30
CA LEU D 55 9.90 -23.61 3.68
C LEU D 55 9.44 -22.36 4.49
N LEU D 56 9.43 -21.18 3.88
CA LEU D 56 9.00 -19.98 4.57
C LEU D 56 7.52 -20.07 4.95
N LEU D 57 6.70 -20.57 4.04
CA LEU D 57 5.29 -20.78 4.25
C LEU D 57 5.00 -21.84 5.32
N ALA D 58 5.58 -23.02 5.15
CA ALA D 58 5.52 -24.06 6.17
C ALA D 58 5.91 -23.53 7.54
N THR D 59 6.96 -22.72 7.63
CA THR D 59 7.36 -22.18 8.90
C THR D 59 6.24 -21.22 9.44
N PHE D 60 5.65 -20.42 8.56
CA PHE D 60 4.56 -19.52 8.95
C PHE D 60 3.38 -20.28 9.54
N TYR D 61 2.98 -21.35 8.84
CA TYR D 61 1.91 -22.22 9.36
C TYR D 61 2.30 -22.94 10.64
N TYR D 62 3.56 -23.35 10.76
CA TYR D 62 4.08 -23.94 12.00
C TYR D 62 3.98 -22.97 13.20
N VAL D 63 4.31 -21.70 12.97
CA VAL D 63 4.20 -20.67 14.01
C VAL D 63 2.71 -20.35 14.26
N SER D 64 1.95 -20.14 13.19
CA SER D 64 0.53 -19.77 13.28
C SER D 64 -0.30 -20.86 13.93
N ASP D 65 -0.05 -22.11 13.57
CA ASP D 65 -0.82 -23.21 14.14
C ASP D 65 -0.69 -23.28 15.65
N GLN D 66 0.55 -23.24 16.14
CA GLN D 66 0.82 -23.28 17.58
C GLN D 66 0.03 -22.22 18.32
N VAL D 67 0.08 -21.01 17.79
CA VAL D 67 -0.46 -19.84 18.43
C VAL D 67 -1.98 -19.73 18.30
N ILE D 68 -2.50 -19.97 17.12
CA ILE D 68 -3.95 -19.94 16.93
C ILE D 68 -4.64 -20.98 17.82
N ASP D 69 -4.06 -22.16 17.90
CA ASP D 69 -4.66 -23.27 18.64
C ASP D 69 -4.62 -23.01 20.15
N ALA D 70 -3.54 -22.40 20.64
CA ALA D 70 -3.45 -22.08 22.06
C ALA D 70 -4.50 -20.99 22.41
N ALA D 71 -4.59 -20.00 21.56
CA ALA D 71 -5.57 -18.91 21.70
C ALA D 71 -7.00 -19.43 21.59
N LEU D 72 -7.28 -20.31 20.64
CA LEU D 72 -8.63 -20.90 20.54
C LEU D 72 -9.01 -21.73 21.76
N ASP D 73 -8.03 -22.47 22.28
CA ASP D 73 -8.25 -23.29 23.44
C ASP D 73 -8.62 -22.43 24.64
N SER D 74 -7.85 -21.39 24.86
CA SER D 74 -8.08 -20.49 25.95
C SER D 74 -9.43 -19.76 25.79
N PHE D 75 -9.68 -19.24 24.58
CA PHE D 75 -10.93 -18.56 24.25
C PHE D 75 -12.16 -19.43 24.53
N SER D 76 -12.09 -20.71 24.19
CA SER D 76 -13.21 -21.61 24.37
C SER D 76 -13.63 -21.77 25.84
N ARG D 77 -12.75 -21.44 26.77
CA ARG D 77 -13.08 -21.60 28.18
C ARG D 77 -13.88 -20.44 28.77
N GLY D 78 -14.08 -19.35 28.02
CA GLY D 78 -14.76 -18.15 28.57
C GLY D 78 -16.27 -18.33 28.54
N LYS D 79 -17.00 -17.82 29.54
CA LYS D 79 -18.48 -17.96 29.60
C LYS D 79 -19.23 -17.05 28.58
N ASP D 80 -18.58 -15.96 28.17
CA ASP D 80 -19.14 -15.05 27.16
C ASP D 80 -18.00 -14.51 26.28
N LEU D 81 -18.33 -13.64 25.32
CA LEU D 81 -17.34 -13.13 24.38
C LEU D 81 -16.22 -12.37 25.07
N ARG D 82 -16.55 -11.44 25.94
CA ARG D 82 -15.55 -10.67 26.63
C ARG D 82 -14.58 -11.55 27.44
N GLU D 83 -15.11 -12.53 28.17
CA GLU D 83 -14.25 -13.35 29.01
C GLU D 83 -13.33 -14.24 28.16
N GLY D 84 -13.84 -14.76 27.05
CA GLY D 84 -13.01 -15.49 26.10
C GLY D 84 -11.86 -14.71 25.53
N LEU D 85 -12.14 -13.49 25.12
CA LEU D 85 -11.12 -12.62 24.56
C LEU D 85 -10.10 -12.26 25.67
N ARG D 86 -10.59 -12.07 26.90
CA ARG D 86 -9.71 -11.78 28.03
C ARG D 86 -8.73 -12.97 28.25
N ARG D 87 -9.28 -14.17 28.29
CA ARG D 87 -8.48 -15.37 28.52
C ARG D 87 -7.41 -15.51 27.45
N GLN D 88 -7.85 -15.39 26.20
CA GLN D 88 -6.97 -15.48 25.01
CA GLN D 88 -6.96 -15.51 25.05
C GLN D 88 -5.88 -14.43 25.03
N TRP D 89 -6.23 -13.22 25.45
CA TRP D 89 -5.27 -12.12 25.54
C TRP D 89 -4.12 -12.50 26.50
N HIS D 90 -4.49 -12.97 27.70
CA HIS D 90 -3.48 -13.37 28.67
C HIS D 90 -2.58 -14.48 28.15
N THR D 91 -3.21 -15.49 27.58
CA THR D 91 -2.51 -16.59 26.93
C THR D 91 -1.53 -16.13 25.84
N LEU D 92 -1.98 -15.27 24.92
CA LEU D 92 -1.09 -14.74 23.85
C LEU D 92 0.05 -13.92 24.45
N PHE D 93 -0.24 -13.08 25.45
CA PHE D 93 0.82 -12.34 26.12
C PHE D 93 1.91 -13.27 26.68
N ARG D 94 1.48 -14.29 27.44
CA ARG D 94 2.45 -15.23 28.02
C ARG D 94 3.30 -15.94 26.93
N ILE D 95 2.66 -16.36 25.82
CA ILE D 95 3.37 -17.01 24.71
C ILE D 95 4.41 -16.08 24.08
N GLY D 96 4.01 -14.85 23.81
CA GLY D 96 4.89 -13.92 23.23
C GLY D 96 6.10 -13.66 24.12
N LEU D 97 5.85 -13.48 25.41
CA LEU D 97 6.91 -13.23 26.37
C LEU D 97 7.89 -14.38 26.39
N GLU D 98 7.36 -15.60 26.43
CA GLU D 98 8.14 -16.82 26.49
C GLU D 98 8.82 -17.27 25.20
N ARG D 99 8.22 -16.97 24.04
CA ARG D 99 8.78 -17.38 22.76
C ARG D 99 8.59 -16.26 21.74
N PRO D 100 9.28 -15.11 21.95
CA PRO D 100 9.08 -13.93 21.16
C PRO D 100 9.37 -14.12 19.68
N GLU D 101 10.25 -15.07 19.36
CA GLU D 101 10.61 -15.39 17.97
C GLU D 101 9.42 -15.88 17.15
N LEU D 102 8.52 -16.59 17.80
CA LEU D 102 7.26 -17.03 17.16
C LEU D 102 6.52 -15.82 16.67
N PHE D 103 6.32 -14.87 17.57
CA PHE D 103 5.67 -13.61 17.20
C PHE D 103 6.43 -12.84 16.15
N ARG D 104 7.75 -12.77 16.27
CA ARG D 104 8.48 -11.89 15.33
C ARG D 104 8.43 -12.49 13.93
N TYR D 105 8.53 -13.81 13.83
CA TYR D 105 8.38 -14.48 12.52
C TYR D 105 7.01 -14.23 11.92
N HIS D 106 5.96 -14.39 12.72
CA HIS D 106 4.61 -14.15 12.23
C HIS D 106 4.47 -12.73 11.69
N GLU D 107 4.94 -11.78 12.48
CA GLU D 107 4.92 -10.38 12.14
C GLU D 107 5.72 -10.06 10.87
N THR D 108 6.92 -10.58 10.80
CA THR D 108 7.76 -10.33 9.63
C THR D 108 7.09 -10.92 8.39
N PHE D 109 6.54 -12.13 8.51
CA PHE D 109 5.92 -12.78 7.37
C PHE D 109 4.68 -12.06 6.85
N THR D 110 3.77 -11.70 7.77
CA THR D 110 2.54 -11.05 7.37
C THR D 110 2.80 -9.69 6.71
N HIS D 111 3.94 -9.06 6.96
CA HIS D 111 4.26 -7.76 6.35
C HIS D 111 5.21 -7.86 5.20
N SER D 112 5.43 -9.07 4.69
CA SER D 112 6.44 -9.30 3.68
C SER D 112 5.75 -9.61 2.35
N ALA D 113 6.54 -9.64 1.26
CA ALA D 113 6.02 -10.03 -0.06
C ALA D 113 5.56 -11.47 -0.17
N TRP D 114 5.84 -12.29 0.86
CA TRP D 114 5.39 -13.67 0.86
C TRP D 114 3.94 -13.81 1.30
N THR D 116 0.01 -13.45 1.28
CA THR D 116 -1.04 -13.39 0.26
C THR D 116 -2.44 -13.45 0.90
N PRO D 117 -3.48 -13.01 0.16
CA PRO D 117 -4.86 -13.16 0.63
C PRO D 117 -5.27 -14.61 0.92
N GLU D 118 -4.77 -15.60 0.18
CA GLU D 118 -5.13 -17.01 0.40
C GLU D 118 -4.60 -17.55 1.77
N ILE D 119 -3.38 -17.14 2.13
CA ILE D 119 -2.75 -17.48 3.41
C ILE D 119 -3.54 -16.81 4.53
N GLN D 120 -3.94 -15.57 4.32
CA GLN D 120 -4.75 -14.85 5.28
C GLN D 120 -6.07 -15.62 5.52
N ALA D 121 -6.74 -16.05 4.45
CA ALA D 121 -8.01 -16.81 4.55
C ALA D 121 -7.82 -18.17 5.24
N ARG D 122 -6.67 -18.78 5.00
CA ARG D 122 -6.36 -20.04 5.64
C ARG D 122 -6.32 -19.86 7.18
N ASN D 123 -5.61 -18.85 7.64
CA ASN D 123 -5.50 -18.59 9.06
C ASN D 123 -6.86 -18.22 9.68
N GLU D 124 -7.59 -17.36 8.98
CA GLU D 124 -8.94 -17.01 9.37
C GLU D 124 -9.84 -18.24 9.44
N SER D 125 -9.74 -19.18 8.50
CA SER D 125 -10.53 -20.41 8.58
C SER D 125 -10.16 -21.23 9.81
N ARG D 126 -8.86 -21.34 10.10
CA ARG D 126 -8.46 -22.08 11.29
C ARG D 126 -8.99 -21.40 12.56
N ALA D 127 -9.14 -20.08 12.52
CA ALA D 127 -9.65 -19.33 13.68
C ALA D 127 -11.17 -19.06 13.65
N ALA D 128 -11.90 -19.79 12.81
CA ALA D 128 -13.34 -19.63 12.60
C ALA D 128 -14.15 -19.44 13.86
N ASN D 129 -13.96 -20.33 14.84
CA ASN D 129 -14.73 -20.27 16.08
C ASN D 129 -14.60 -18.94 16.82
N LEU D 130 -13.40 -18.36 16.83
CA LEU D 130 -13.19 -17.03 17.43
C LEU D 130 -13.76 -15.94 16.54
N LEU D 131 -13.48 -15.99 15.25
CA LEU D 131 -14.00 -14.95 14.34
C LEU D 131 -15.53 -14.98 14.23
N ASN D 132 -16.12 -16.18 14.28
CA ASN D 132 -17.59 -16.33 14.29
C ASN D 132 -18.18 -15.70 15.57
N ALA D 133 -17.52 -15.92 16.70
CA ALA D 133 -17.95 -15.39 17.98
C ALA D 133 -17.89 -13.87 17.97
N VAL D 134 -16.82 -13.31 17.39
CA VAL D 134 -16.69 -11.87 17.26
C VAL D 134 -17.82 -11.32 16.38
N ASP D 135 -18.08 -11.97 15.27
CA ASP D 135 -19.17 -11.54 14.37
C ASP D 135 -20.52 -11.55 15.08
N GLN D 136 -20.78 -12.60 15.84
CA GLN D 136 -21.98 -12.66 16.65
C GLN D 136 -22.08 -11.46 17.58
N GLY D 137 -20.97 -11.07 18.18
CA GLY D 137 -20.93 -9.87 18.99
C GLY D 137 -21.27 -8.59 18.22
N LYS D 138 -20.88 -8.52 16.95
CA LYS D 138 -21.26 -7.38 16.10
C LYS D 138 -22.78 -7.35 15.89
N GLN D 139 -23.38 -8.50 15.57
CA GLN D 139 -24.83 -8.63 15.29
C GLN D 139 -25.68 -8.25 16.49
N SER D 140 -25.23 -8.61 17.69
CA SER D 140 -25.99 -8.31 18.88
C SER D 140 -25.69 -6.91 19.41
N GLY D 141 -24.83 -6.12 18.75
CA GLY D 141 -24.50 -4.76 19.22
C GLY D 141 -23.53 -4.66 20.37
N LEU D 142 -22.83 -5.75 20.67
CA LEU D 142 -21.83 -5.76 21.76
C LEU D 142 -20.50 -5.17 21.24
N ILE D 143 -20.19 -5.48 19.98
CA ILE D 143 -18.92 -5.07 19.32
C ILE D 143 -19.22 -4.02 18.25
N LYS D 144 -18.36 -3.01 18.14
CA LYS D 144 -18.58 -1.94 17.12
C LYS D 144 -18.68 -2.54 15.74
N PRO D 145 -19.60 -2.02 14.90
CA PRO D 145 -19.72 -2.57 13.55
C PRO D 145 -18.64 -2.02 12.63
N VAL D 146 -17.41 -2.42 12.86
CA VAL D 146 -16.30 -1.85 12.12
C VAL D 146 -15.58 -2.93 11.38
N PRO D 147 -14.87 -2.53 10.31
CA PRO D 147 -14.17 -3.50 9.50
C PRO D 147 -13.24 -4.27 10.38
N PHE D 148 -13.08 -5.53 10.06
CA PHE D 148 -12.15 -6.38 10.78
C PHE D 148 -10.72 -5.79 10.93
N PRO D 149 -10.19 -5.13 9.89
CA PRO D 149 -8.84 -4.55 10.07
C PRO D 149 -8.67 -3.65 11.31
N LEU D 150 -9.70 -2.91 11.63
CA LEU D 150 -9.70 -2.11 12.82
C LEU D 150 -9.85 -3.00 14.11
N LEU D 151 -10.65 -4.06 14.06
CA LEU D 151 -10.79 -4.92 15.22
C LEU D 151 -9.44 -5.52 15.57
N GLU D 152 -8.76 -6.03 14.54
CA GLU D 152 -7.46 -6.63 14.70
C GLU D 152 -6.44 -5.61 15.28
N THR D 153 -6.47 -4.39 14.75
CA THR D 153 -5.53 -3.33 15.14
C THR D 153 -5.58 -3.02 16.63
N PHE D 154 -6.77 -3.06 17.21
CA PHE D 154 -6.97 -2.79 18.63
C PHE D 154 -7.03 -4.01 19.56
N PHE D 156 -5.70 -7.37 18.76
CA PHE D 156 -4.61 -8.37 18.69
C PHE D 156 -3.24 -7.76 18.57
N ARG D 157 -3.13 -6.75 17.73
CA ARG D 157 -1.85 -6.13 17.50
C ARG D 157 -1.16 -5.56 18.74
N PRO D 158 -1.92 -5.00 19.69
CA PRO D 158 -1.23 -4.42 20.87
C PRO D 158 -0.47 -5.47 21.71
N ILE D 159 -0.86 -6.73 21.65
CA ILE D 159 -0.21 -7.77 22.45
C ILE D 159 1.25 -7.84 22.06
N TYR D 160 1.50 -7.80 20.77
CA TYR D 160 2.84 -7.85 20.25
C TYR D 160 3.68 -6.66 20.72
N HIS D 161 3.10 -5.46 20.69
CA HIS D 161 3.88 -4.30 21.10
C HIS D 161 4.19 -4.36 22.59
N LEU D 162 3.21 -4.74 23.40
CA LEU D 162 3.43 -4.82 24.86
C LEU D 162 4.46 -5.87 25.26
N VAL D 163 4.45 -7.01 24.57
CA VAL D 163 5.44 -8.07 24.79
C VAL D 163 6.83 -7.49 24.50
N GLN D 164 6.97 -6.77 23.40
CA GLN D 164 8.24 -6.13 23.03
C GLN D 164 8.68 -5.15 24.08
N ARG D 165 7.79 -4.27 24.50
CA ARG D 165 8.20 -3.32 25.55
C ARG D 165 8.60 -4.01 26.84
N CYS D 166 7.87 -5.07 27.21
CA CYS D 166 8.17 -5.83 28.39
CA CYS D 166 8.20 -5.82 28.42
C CYS D 166 9.59 -6.42 28.31
N LEU D 167 9.86 -7.14 27.22
CA LEU D 167 11.19 -7.76 27.03
C LEU D 167 12.33 -6.72 27.05
N GLN D 168 12.10 -5.50 26.54
CA GLN D 168 13.16 -4.49 26.47
C GLN D 168 13.21 -3.69 27.77
N GLY D 169 12.30 -3.98 28.68
CA GLY D 169 12.31 -3.43 30.02
C GLY D 169 11.65 -2.10 30.20
N SER D 170 10.79 -1.71 29.27
CA SER D 170 10.11 -0.45 29.38
C SER D 170 8.73 -0.61 30.00
N PHE D 171 8.41 -1.82 30.47
CA PHE D 171 7.07 -2.10 31.01
C PHE D 171 7.00 -3.43 31.75
N GLU D 172 6.44 -3.47 32.95
CA GLU D 172 6.44 -4.75 33.66
CA GLU D 172 6.40 -4.73 33.72
C GLU D 172 5.16 -5.51 33.36
N GLY D 173 5.33 -6.74 32.90
CA GLY D 173 4.19 -7.57 32.52
C GLY D 173 3.55 -8.28 33.73
N THR D 174 3.08 -7.49 34.69
CA THR D 174 2.34 -7.96 35.83
C THR D 174 0.98 -8.39 35.28
N ASP D 175 0.29 -9.26 36.00
CA ASP D 175 -1.04 -9.68 35.64
C ASP D 175 -1.99 -8.48 35.51
N GLU D 176 -1.92 -7.58 36.49
CA GLU D 176 -2.74 -6.37 36.50
C GLU D 176 -2.44 -5.47 35.27
N HIS D 177 -1.17 -5.28 34.93
CA HIS D 177 -0.85 -4.54 33.69
C HIS D 177 -1.41 -5.17 32.40
N ILE D 178 -1.33 -6.48 32.30
CA ILE D 178 -1.87 -7.17 31.13
C ILE D 178 -3.40 -7.03 31.14
N GLU D 179 -4.02 -7.17 32.32
CA GLU D 179 -5.48 -6.99 32.49
C GLU D 179 -5.99 -5.56 32.13
N LEU D 180 -5.27 -4.55 32.60
CA LEU D 180 -5.56 -3.16 32.27
C LEU D 180 -5.48 -2.94 30.73
N ALA D 181 -4.47 -3.52 30.07
CA ALA D 181 -4.32 -3.38 28.61
C ALA D 181 -5.53 -4.02 27.92
N PHE D 182 -5.92 -5.21 28.37
CA PHE D 182 -7.10 -5.87 27.77
C PHE D 182 -8.35 -5.05 27.94
N ASN D 183 -8.54 -4.43 29.11
CA ASN D 183 -9.71 -3.59 29.33
C ASN D 183 -9.75 -2.44 28.32
N ALA D 185 -8.30 -2.58 25.29
CA ALA D 185 -8.60 -3.20 23.99
C ALA D 185 -10.09 -3.43 23.87
N TRP D 186 -10.70 -3.92 24.94
CA TRP D 186 -12.14 -4.13 24.98
C TRP D 186 -12.85 -2.81 24.76
N ASP D 187 -12.51 -1.77 25.51
CA ASP D 187 -13.23 -0.51 25.31
C ASP D 187 -13.14 0.01 23.85
N ALA D 188 -11.96 -0.21 23.24
CA ALA D 188 -11.74 0.17 21.87
C ALA D 188 -12.76 -0.51 20.92
N VAL D 189 -13.01 -1.80 21.12
CA VAL D 189 -13.90 -2.53 20.17
C VAL D 189 -15.32 -2.65 20.61
N ALA D 190 -15.61 -2.35 21.86
CA ALA D 190 -16.97 -2.54 22.37
C ALA D 190 -17.85 -1.40 21.93
N ASP D 191 -19.10 -1.70 21.66
CA ASP D 191 -20.00 -0.64 21.25
C ASP D 191 -20.62 0.03 22.48
N ARG D 192 -20.49 1.36 22.55
CA ARG D 192 -21.10 2.19 23.61
C ARG D 192 -22.37 2.86 23.05
#